data_9KT9
#
_entry.id   9KT9
#
loop_
_entity.id
_entity.type
_entity.pdbx_description
1 polymer 'Guanine nucleotide-binding protein G(i) subunit alpha-1'
2 polymer 'Guanine nucleotide-binding protein G(I)/G(S)/G(T) subunit beta-1'
3 polymer 'Guanine nucleotide-binding protein G(I)/G(S)/G(O) subunit gamma-2'
4 polymer scFv16
5 polymer 'Hydroxycarboxylic acid receptor 1'
6 non-polymer 3,5-DIHYDROXYBENZOATE
#
loop_
_entity_poly.entity_id
_entity_poly.type
_entity_poly.pdbx_seq_one_letter_code
_entity_poly.pdbx_strand_id
1 'polypeptide(L)'
;MGCTLSAEDKAAVERSKMIDRNLREDGEKAAREVKLLLLGAGESGKNTIVKQMKIIHEAGYSEEECKQYKAVVYSNTIQS
IIAIIRAMGRLKIDFGDSARADDARQLFVLAGAAEEGFMTAELAGVIKRLWKDSGVQACFNRSREYQLNDSAAYYLNDLD
RIAQPNYIPTQQDVLRTRVKTTGIVETHFTFKDLHFKMFDVGAQRSERKKWIHCFEGVTAIIFCVALSDYDLVLAEDEEM
NRMHASMKLFDSICNNKWFTDTSIILFLNKKDLFEEKIKKSPLTICYPEYAGSNTYEEAAAYIQCQFEDLNKRKDTKEIY
THFTCSTDTKNVQFVFDAVTDVIIKNNLKDCGLF
;
A
2 'polypeptide(L)'
;QSELDQLRQEAEQLKNQIRDARKACADATLSQITNNIDPVGRIQMRTRRTLRGHLAKIYAMHWGTDSRLLVSASQDGKLI
IWDSYTTNKVHAIPLRSSWVMTCAYAPSGNYVACGGLDNICSIYNLKTREGNVRVSRELAGHTGYLSCCRFLDDNQIVTS
SGDTTCALWDIETGQQTTTFTGHTGDVMSLSLAPDTRLFVSGACDASAKLWDVREGMCRQTFTGHESDINAICFFPNGNA
FATGSDDATCRLFDLRADQELMTYSHDNIICGITSVSFSKSGRLLLAGYDDFNCNVWDALKADRAGVLAGHDNRVSCLGV
TDDGMAVATGSWDSFLKIWN
;
B
3 'polypeptide(L)' MASNNTASIAQARKLVEQLKMEANIDRIKVSKAAADLMAYCEAHAKEDPLLTPVPASENPFREKKFFCAIL C
4 'polypeptide(L)'
;MVQLVESGGGLVQPGGSRKLSCSASGFAFSSFGMHWVRQAPEKGLEWVAYISSGSGTIYYADTVKGRFTISRDDPKNTLF
LQMTSLRSEDTAMYYCVRSIYYYGSSPFDFWGQGTTLTVSSGGGGSGGGGSGGGGSDIVMTQATSSVPVTPGESVSISCR
SSKSLLHSNGNTYLYWFLQRPGQSPQLLIYRMSNLASGVPDRFSGSGSGTAFTLTISRLEAEDVGVYYCMQHLEYPLTFG
AGTKLELKAAALEVLFQGPHHHHHHHH
;
E
5 'polypeptide(L)'
;MYNGSCCRIEGDTISQVMPPLLIVAFVLGALGNGVALCGFCFHMKTWKPSTVYLFNLAVADFLLMICLPFRTDYYLRRRH
WAFGDIPCRVGLFTLAMNRAGSIVFLTVVAADRYFKVVHPHHAVNTISTRVAAGIVCTLWALVILGTVYLLLENHLCVQE
TAVSCESFIMESANGWHDIMFQLEFFMPLGIILFCSFKIVWSLRRRQQLARQARMKKATRFIMVVAIVFITCYLPSVSAR
LYFLWTVPSSACDPSVHGALHITLSFTYMNSMLDPLVYYFSSPSFPKFYNKLKICSLKPKQPGHSKTQRPEEMPISNLGR
RSCISVANSFQSQSDGQWDPHIVEWH
;
R
#
loop_
_chem_comp.id
_chem_comp.type
_chem_comp.name
_chem_comp.formula
34D non-polymer 3,5-DIHYDROXYBENZOATE 'C7 H6 O4'
#
# COMPACT_ATOMS: atom_id res chain seq x y z
N GLY A 2 -20.96 12.99 2.64
CA GLY A 2 -20.43 14.26 3.13
C GLY A 2 -21.46 15.36 3.16
N CYS A 3 -22.36 15.32 4.14
CA CYS A 3 -23.38 16.34 4.28
C CYS A 3 -22.81 17.65 4.83
N THR A 4 -21.66 17.60 5.49
CA THR A 4 -21.03 18.77 6.08
C THR A 4 -19.89 19.32 5.22
N LEU A 5 -19.78 18.87 3.97
CA LEU A 5 -18.67 19.25 3.12
C LEU A 5 -19.10 20.28 2.09
N SER A 6 -18.21 21.22 1.79
CA SER A 6 -18.46 22.20 0.75
C SER A 6 -18.23 21.59 -0.63
N ALA A 7 -18.55 22.36 -1.67
CA ALA A 7 -18.45 21.86 -3.03
C ALA A 7 -17.02 21.49 -3.39
N GLU A 8 -16.05 22.35 -3.03
CA GLU A 8 -14.65 22.06 -3.32
C GLU A 8 -14.19 20.81 -2.59
N ASP A 9 -14.62 20.64 -1.34
CA ASP A 9 -14.27 19.45 -0.57
C ASP A 9 -14.82 18.19 -1.22
N LYS A 10 -16.07 18.24 -1.69
CA LYS A 10 -16.65 17.08 -2.35
C LYS A 10 -15.93 16.75 -3.65
N ALA A 11 -15.53 17.78 -4.42
CA ALA A 11 -14.76 17.53 -5.62
C ALA A 11 -13.40 16.91 -5.31
N ALA A 12 -12.75 17.37 -4.24
CA ALA A 12 -11.49 16.76 -3.82
C ALA A 12 -11.68 15.31 -3.42
N VAL A 13 -12.78 15.01 -2.73
CA VAL A 13 -13.08 13.63 -2.36
C VAL A 13 -13.27 12.76 -3.60
N GLU A 14 -13.98 13.28 -4.60
CA GLU A 14 -14.16 12.53 -5.85
C GLU A 14 -12.82 12.26 -6.54
N ARG A 15 -11.95 13.26 -6.57
CA ARG A 15 -10.62 13.05 -7.14
C ARG A 15 -9.85 11.97 -6.39
N SER A 16 -9.92 11.99 -5.07
CA SER A 16 -9.26 10.95 -4.27
C SER A 16 -9.84 9.58 -4.56
N LYS A 17 -11.15 9.48 -4.79
CA LYS A 17 -11.75 8.20 -5.15
C LYS A 17 -11.22 7.69 -6.48
N MET A 18 -11.09 8.58 -7.46
CA MET A 18 -10.53 8.17 -8.76
C MET A 18 -9.09 7.70 -8.61
N ILE A 19 -8.31 8.39 -7.78
CA ILE A 19 -6.93 7.97 -7.54
C ILE A 19 -6.90 6.59 -6.89
N ASP A 20 -7.79 6.35 -5.92
CA ASP A 20 -7.86 5.04 -5.29
C ASP A 20 -8.20 3.95 -6.29
N ARG A 21 -9.15 4.22 -7.19
CA ARG A 21 -9.51 3.23 -8.21
C ARG A 21 -8.33 2.91 -9.12
N ASN A 22 -7.59 3.94 -9.55
CA ASN A 22 -6.43 3.70 -10.40
C ASN A 22 -5.36 2.90 -9.66
N LEU A 23 -5.13 3.20 -8.38
CA LEU A 23 -4.16 2.46 -7.60
C LEU A 23 -4.55 0.99 -7.49
N ARG A 24 -5.83 0.72 -7.22
CA ARG A 24 -6.29 -0.66 -7.11
C ARG A 24 -6.12 -1.40 -8.43
N GLU A 25 -6.47 -0.75 -9.55
CA GLU A 25 -6.33 -1.42 -10.84
C GLU A 25 -4.88 -1.72 -11.17
N ASP A 26 -3.97 -0.77 -10.91
CA ASP A 26 -2.56 -1.02 -11.16
C ASP A 26 -2.02 -2.14 -10.27
N GLY A 27 -2.44 -2.15 -9.00
CA GLY A 27 -1.98 -3.20 -8.10
C GLY A 27 -2.46 -4.58 -8.51
N GLU A 28 -3.69 -4.67 -9.02
CA GLU A 28 -4.17 -5.94 -9.53
C GLU A 28 -3.43 -6.35 -10.80
N LYS A 29 -3.10 -5.36 -11.65
CA LYS A 29 -2.36 -5.66 -12.87
C LYS A 29 -0.95 -6.16 -12.55
N ALA A 30 -0.32 -5.64 -11.50
CA ALA A 30 1.04 -6.04 -11.15
C ALA A 30 1.11 -7.35 -10.41
N ALA A 31 -0.01 -7.86 -9.89
CA ALA A 31 0.01 -9.08 -9.10
C ALA A 31 0.16 -10.34 -9.95
N ARG A 32 -0.04 -10.25 -11.26
CA ARG A 32 0.04 -11.39 -12.15
C ARG A 32 1.43 -11.59 -12.75
N GLU A 33 2.38 -10.73 -12.40
CA GLU A 33 3.73 -10.84 -12.94
C GLU A 33 4.55 -11.85 -12.12
N VAL A 34 5.55 -12.42 -12.78
CA VAL A 34 6.48 -13.34 -12.14
C VAL A 34 7.83 -12.63 -12.04
N LYS A 35 8.33 -12.49 -10.83
CA LYS A 35 9.58 -11.78 -10.57
C LYS A 35 10.67 -12.77 -10.18
N LEU A 36 11.84 -12.62 -10.79
CA LEU A 36 12.97 -13.49 -10.55
C LEU A 36 14.19 -12.66 -10.16
N LEU A 37 14.91 -13.11 -9.14
CA LEU A 37 16.16 -12.48 -8.73
C LEU A 37 17.32 -13.33 -9.26
N LEU A 38 18.15 -12.72 -10.10
CA LEU A 38 19.25 -13.41 -10.76
C LEU A 38 20.54 -13.10 -10.02
N LEU A 39 21.23 -14.15 -9.58
CA LEU A 39 22.47 -14.02 -8.81
C LEU A 39 23.56 -14.89 -9.43
N GLY A 40 24.77 -14.72 -8.95
CA GLY A 40 25.90 -15.48 -9.43
C GLY A 40 27.18 -14.67 -9.30
N ALA A 41 28.07 -14.85 -10.28
CA ALA A 41 29.33 -14.12 -10.36
C ALA A 41 29.45 -13.52 -11.76
N GLY A 42 30.54 -12.78 -11.96
CA GLY A 42 30.70 -12.07 -13.23
C GLY A 42 30.87 -13.01 -14.40
N GLU A 43 31.69 -14.05 -14.23
CA GLU A 43 31.99 -14.99 -15.30
C GLU A 43 31.08 -16.21 -15.28
N SER A 44 30.06 -16.22 -14.41
CA SER A 44 29.18 -17.38 -14.31
C SER A 44 28.42 -17.63 -15.61
N GLY A 45 27.93 -16.57 -16.24
CA GLY A 45 27.13 -16.73 -17.44
C GLY A 45 25.76 -16.12 -17.34
N LYS A 46 25.62 -15.12 -16.46
CA LYS A 46 24.33 -14.44 -16.32
C LYS A 46 23.92 -13.77 -17.61
N ASN A 47 24.87 -13.16 -18.32
CA ASN A 47 24.57 -12.49 -19.59
C ASN A 47 24.04 -13.48 -20.61
N THR A 48 24.65 -14.66 -20.71
CA THR A 48 24.18 -15.67 -21.66
C THR A 48 22.77 -16.11 -21.32
N ILE A 49 22.49 -16.33 -20.03
CA ILE A 49 21.16 -16.79 -19.63
C ILE A 49 20.11 -15.72 -19.94
N VAL A 50 20.39 -14.46 -19.59
CA VAL A 50 19.42 -13.41 -19.83
C VAL A 50 19.27 -13.15 -21.33
N LYS A 51 20.29 -13.45 -22.13
CA LYS A 51 20.15 -13.37 -23.58
C LYS A 51 19.25 -14.48 -24.11
N GLN A 52 19.42 -15.70 -23.59
CA GLN A 52 18.57 -16.81 -24.01
C GLN A 52 17.12 -16.58 -23.61
N MET A 53 16.90 -15.98 -22.44
CA MET A 53 15.54 -15.75 -21.96
C MET A 53 14.77 -14.85 -22.92
N LYS A 54 15.39 -13.77 -23.36
CA LYS A 54 14.75 -12.78 -24.23
C LYS A 54 15.47 -12.78 -25.57
N ILE A 55 14.86 -13.42 -26.57
CA ILE A 55 15.42 -13.48 -27.91
C ILE A 55 15.23 -12.14 -28.61
N THR A 181 26.46 4.95 -13.30
CA THR A 181 26.49 3.53 -13.01
C THR A 181 25.16 3.05 -12.45
N THR A 182 24.39 2.34 -13.26
CA THR A 182 23.11 1.81 -12.83
C THR A 182 23.32 0.74 -11.77
N GLY A 183 22.32 0.60 -10.89
CA GLY A 183 22.42 -0.33 -9.78
C GLY A 183 21.69 -1.63 -10.00
N ILE A 184 20.60 -1.59 -10.77
CA ILE A 184 19.79 -2.77 -11.03
C ILE A 184 19.31 -2.72 -12.48
N VAL A 185 19.28 -3.88 -13.12
CA VAL A 185 18.84 -4.02 -14.51
C VAL A 185 17.60 -4.90 -14.53
N GLU A 186 16.56 -4.43 -15.22
CA GLU A 186 15.28 -5.13 -15.29
C GLU A 186 15.06 -5.63 -16.71
N THR A 187 14.82 -6.93 -16.85
CA THR A 187 14.55 -7.56 -18.14
C THR A 187 13.14 -8.13 -18.13
N HIS A 188 12.35 -7.79 -19.14
CA HIS A 188 10.97 -8.24 -19.25
C HIS A 188 10.82 -9.13 -20.47
N PHE A 189 10.22 -10.31 -20.28
CA PHE A 189 9.94 -11.21 -21.37
C PHE A 189 8.67 -11.99 -21.04
N THR A 190 8.13 -12.65 -22.06
CA THR A 190 6.87 -13.39 -21.94
C THR A 190 7.05 -14.80 -22.48
N PHE A 191 6.22 -15.70 -21.96
CA PHE A 191 6.25 -17.11 -22.37
C PHE A 191 4.92 -17.74 -22.00
N LYS A 192 4.19 -18.24 -23.01
CA LYS A 192 2.91 -18.90 -22.81
C LYS A 192 1.94 -18.01 -22.04
N ASP A 193 1.76 -16.78 -22.54
CA ASP A 193 0.85 -15.79 -22.00
C ASP A 193 1.19 -15.39 -20.56
N LEU A 194 2.40 -15.67 -20.11
CA LEU A 194 2.84 -15.33 -18.76
C LEU A 194 4.02 -14.38 -18.84
N HIS A 195 3.94 -13.26 -18.12
CA HIS A 195 4.96 -12.22 -18.17
C HIS A 195 5.93 -12.40 -17.02
N PHE A 196 7.23 -12.37 -17.34
CA PHE A 196 8.29 -12.55 -16.37
C PHE A 196 9.11 -11.28 -16.24
N LYS A 197 9.49 -10.94 -15.01
CA LYS A 197 10.38 -9.82 -14.75
C LYS A 197 11.62 -10.33 -14.05
N MET A 198 12.79 -10.07 -14.63
CA MET A 198 14.05 -10.55 -14.10
C MET A 198 14.89 -9.36 -13.65
N PHE A 199 15.48 -9.46 -12.47
CA PHE A 199 16.28 -8.40 -11.88
C PHE A 199 17.71 -8.86 -11.68
N ASP A 200 18.66 -8.08 -12.18
CA ASP A 200 20.08 -8.37 -12.04
C ASP A 200 20.70 -7.30 -11.13
N VAL A 201 21.36 -7.73 -10.06
CA VAL A 201 21.92 -6.82 -9.08
C VAL A 201 23.44 -6.98 -9.02
N GLY A 202 24.04 -7.35 -10.15
CA GLY A 202 25.48 -7.56 -10.19
C GLY A 202 26.30 -6.30 -10.10
N ALA A 203 25.72 -5.15 -10.47
CA ALA A 203 26.45 -3.89 -10.44
C ALA A 203 26.57 -3.31 -9.03
N GLN A 204 25.74 -3.74 -8.09
CA GLN A 204 25.76 -3.22 -6.73
C GLN A 204 26.94 -3.84 -5.98
N ARG A 205 27.99 -3.06 -5.75
CA ARG A 205 29.15 -3.51 -5.01
C ARG A 205 29.09 -3.16 -3.53
N SER A 206 28.01 -2.53 -3.08
CA SER A 206 27.84 -2.20 -1.67
C SER A 206 27.50 -3.45 -0.87
N GLU A 207 27.30 -3.27 0.44
CA GLU A 207 27.01 -4.41 1.31
C GLU A 207 25.64 -4.99 0.98
N ARG A 208 25.59 -6.31 0.79
CA ARG A 208 24.37 -6.95 0.35
C ARG A 208 23.29 -6.95 1.43
N LYS A 209 23.70 -7.07 2.70
CA LYS A 209 22.75 -7.22 3.78
C LYS A 209 21.90 -5.97 4.00
N LYS A 210 22.27 -4.83 3.41
CA LYS A 210 21.52 -3.60 3.59
C LYS A 210 20.40 -3.41 2.58
N TRP A 211 20.38 -4.21 1.50
CA TRP A 211 19.32 -4.10 0.52
C TRP A 211 18.74 -5.44 0.08
N ILE A 212 19.26 -6.56 0.56
CA ILE A 212 18.75 -7.87 0.14
C ILE A 212 17.31 -8.06 0.61
N HIS A 213 16.91 -7.40 1.69
CA HIS A 213 15.55 -7.55 2.20
C HIS A 213 14.51 -6.96 1.27
N CYS A 214 14.91 -6.09 0.34
CA CYS A 214 13.96 -5.52 -0.61
C CYS A 214 13.41 -6.57 -1.56
N PHE A 215 14.12 -7.67 -1.76
CA PHE A 215 13.70 -8.72 -2.68
C PHE A 215 12.98 -9.86 -1.97
N GLU A 216 12.73 -9.74 -0.67
CA GLU A 216 11.89 -10.70 0.02
C GLU A 216 10.50 -10.71 -0.60
N GLY A 217 9.99 -11.90 -0.89
CA GLY A 217 8.75 -12.04 -1.62
C GLY A 217 8.90 -12.28 -3.10
N VAL A 218 10.12 -12.47 -3.59
CA VAL A 218 10.34 -12.78 -4.99
C VAL A 218 9.85 -14.21 -5.26
N THR A 219 9.40 -14.45 -6.50
CA THR A 219 8.85 -15.75 -6.84
C THR A 219 9.92 -16.84 -6.76
N ALA A 220 11.09 -16.58 -7.32
CA ALA A 220 12.17 -17.57 -7.29
C ALA A 220 13.50 -16.87 -7.51
N ILE A 221 14.57 -17.57 -7.14
CA ILE A 221 15.94 -17.09 -7.30
C ILE A 221 16.62 -17.95 -8.35
N ILE A 222 17.30 -17.31 -9.30
CA ILE A 222 18.07 -18.01 -10.32
C ILE A 222 19.55 -17.81 -10.02
N PHE A 223 20.26 -18.92 -9.82
CA PHE A 223 21.68 -18.90 -9.49
C PHE A 223 22.45 -19.53 -10.62
N CYS A 224 23.45 -18.80 -11.15
CA CYS A 224 24.23 -19.24 -12.29
C CYS A 224 25.63 -19.63 -11.83
N VAL A 225 26.09 -20.81 -12.25
CA VAL A 225 27.41 -21.32 -11.92
C VAL A 225 28.03 -21.88 -13.19
N ALA A 226 29.34 -21.66 -13.36
CA ALA A 226 30.08 -22.19 -14.49
C ALA A 226 30.83 -23.44 -14.06
N LEU A 227 30.59 -24.55 -14.75
CA LEU A 227 31.27 -25.80 -14.42
C LEU A 227 32.77 -25.71 -14.67
N SER A 228 33.17 -25.03 -15.74
CA SER A 228 34.56 -25.00 -16.16
C SER A 228 35.47 -24.23 -15.21
N ASP A 229 34.91 -23.48 -14.25
CA ASP A 229 35.70 -22.68 -13.32
C ASP A 229 36.01 -23.43 -12.03
N TYR A 230 36.12 -24.76 -12.08
CA TYR A 230 36.42 -25.52 -10.87
C TYR A 230 37.88 -25.38 -10.45
N ASP A 231 38.78 -25.19 -11.42
CA ASP A 231 40.20 -25.08 -11.12
C ASP A 231 40.73 -23.65 -11.15
N LEU A 232 40.11 -22.77 -11.93
CA LEU A 232 40.59 -21.40 -12.05
C LEU A 232 40.45 -20.66 -10.72
N VAL A 233 41.40 -19.77 -10.46
CA VAL A 233 41.44 -18.99 -9.23
C VAL A 233 41.04 -17.55 -9.54
N LEU A 234 40.46 -16.88 -8.55
CA LEU A 234 40.03 -15.51 -8.73
C LEU A 234 41.25 -14.59 -8.87
N ALA A 235 41.08 -13.53 -9.66
CA ALA A 235 42.16 -12.56 -9.85
C ALA A 235 42.49 -11.86 -8.53
N GLU A 236 41.47 -11.54 -7.74
CA GLU A 236 41.69 -10.79 -6.50
C GLU A 236 42.51 -11.59 -5.49
N ASP A 237 42.11 -12.84 -5.23
CA ASP A 237 42.76 -13.66 -4.22
C ASP A 237 43.32 -14.91 -4.88
N GLU A 238 44.62 -15.16 -4.65
CA GLU A 238 45.26 -16.34 -5.25
C GLU A 238 44.83 -17.62 -4.56
N GLU A 239 44.76 -17.61 -3.22
CA GLU A 239 44.39 -18.81 -2.49
C GLU A 239 42.95 -19.22 -2.78
N MET A 240 42.05 -18.25 -2.89
CA MET A 240 40.64 -18.55 -3.11
C MET A 240 40.42 -19.16 -4.47
N ASN A 241 39.59 -20.21 -4.51
CA ASN A 241 39.19 -20.87 -5.74
C ASN A 241 37.80 -20.39 -6.15
N ARG A 242 37.55 -20.40 -7.46
CA ARG A 242 36.29 -19.89 -7.99
C ARG A 242 35.11 -20.76 -7.53
N MET A 243 35.25 -22.07 -7.59
CA MET A 243 34.15 -22.96 -7.24
C MET A 243 33.81 -22.85 -5.76
N HIS A 244 34.83 -22.78 -4.89
CA HIS A 244 34.54 -22.61 -3.47
C HIS A 244 33.94 -21.25 -3.16
N ALA A 245 34.35 -20.20 -3.90
CA ALA A 245 33.71 -18.91 -3.73
C ALA A 245 32.23 -18.96 -4.11
N SER A 246 31.93 -19.64 -5.23
CA SER A 246 30.53 -19.80 -5.63
C SER A 246 29.74 -20.60 -4.60
N MET A 247 30.35 -21.65 -4.05
CA MET A 247 29.68 -22.44 -3.02
C MET A 247 29.43 -21.62 -1.76
N LYS A 248 30.38 -20.77 -1.38
CA LYS A 248 30.17 -19.91 -0.21
C LYS A 248 29.05 -18.91 -0.46
N LEU A 249 29.00 -18.31 -1.65
CA LEU A 249 27.92 -17.40 -1.98
C LEU A 249 26.57 -18.12 -1.99
N PHE A 250 26.53 -19.33 -2.55
CA PHE A 250 25.30 -20.10 -2.57
C PHE A 250 24.83 -20.45 -1.17
N ASP A 251 25.76 -20.82 -0.29
CA ASP A 251 25.40 -21.11 1.09
C ASP A 251 24.88 -19.87 1.79
N SER A 252 25.49 -18.71 1.52
CA SER A 252 25.03 -17.47 2.14
C SER A 252 23.62 -17.11 1.68
N ILE A 253 23.34 -17.23 0.38
CA ILE A 253 22.04 -16.84 -0.14
C ILE A 253 20.96 -17.86 0.23
N CYS A 254 21.25 -19.15 0.11
CA CYS A 254 20.23 -20.18 0.32
C CYS A 254 19.72 -20.16 1.75
N ASN A 255 20.60 -19.97 2.72
CA ASN A 255 20.24 -20.01 4.13
C ASN A 255 19.89 -18.64 4.69
N ASN A 256 19.76 -17.62 3.84
CA ASN A 256 19.40 -16.28 4.29
C ASN A 256 18.03 -16.30 4.95
N LYS A 257 17.87 -15.48 6.00
CA LYS A 257 16.63 -15.45 6.74
C LYS A 257 15.49 -14.81 5.97
N TRP A 258 15.78 -14.05 4.91
CA TRP A 258 14.73 -13.49 4.07
C TRP A 258 14.25 -14.45 3.00
N PHE A 259 14.93 -15.58 2.82
CA PHE A 259 14.61 -16.56 1.78
C PHE A 259 14.48 -17.96 2.39
N THR A 260 13.74 -18.06 3.50
CA THR A 260 13.55 -19.35 4.15
C THR A 260 12.54 -20.23 3.45
N ASP A 261 11.78 -19.70 2.49
CA ASP A 261 10.77 -20.48 1.78
C ASP A 261 10.76 -20.17 0.28
N THR A 262 11.88 -19.71 -0.27
CA THR A 262 11.96 -19.32 -1.67
C THR A 262 12.68 -20.40 -2.45
N SER A 263 12.08 -20.85 -3.55
CA SER A 263 12.70 -21.85 -4.40
C SER A 263 13.91 -21.27 -5.11
N ILE A 264 14.87 -22.14 -5.43
CA ILE A 264 16.10 -21.76 -6.11
C ILE A 264 16.23 -22.59 -7.38
N ILE A 265 16.47 -21.92 -8.50
CA ILE A 265 16.73 -22.57 -9.78
C ILE A 265 18.23 -22.45 -10.04
N LEU A 266 18.93 -23.58 -10.05
CA LEU A 266 20.37 -23.61 -10.21
C LEU A 266 20.71 -24.01 -11.64
N PHE A 267 21.49 -23.17 -12.32
CA PHE A 267 21.96 -23.44 -13.68
C PHE A 267 23.47 -23.68 -13.67
N LEU A 268 23.90 -24.70 -14.38
CA LEU A 268 25.31 -24.96 -14.62
C LEU A 268 25.57 -24.61 -16.07
N ASN A 269 26.47 -23.65 -16.31
CA ASN A 269 26.45 -22.88 -17.55
C ASN A 269 27.43 -23.35 -18.62
N LYS A 270 28.58 -23.87 -18.24
CA LYS A 270 29.61 -24.25 -19.22
C LYS A 270 29.80 -25.76 -19.16
N LYS A 271 29.10 -26.47 -20.05
CA LYS A 271 29.13 -27.92 -20.10
C LYS A 271 30.17 -28.46 -21.06
N ASP A 272 30.23 -27.92 -22.28
CA ASP A 272 31.23 -28.40 -23.25
C ASP A 272 32.65 -28.11 -22.78
N LEU A 273 32.88 -26.93 -22.21
CA LEU A 273 34.19 -26.64 -21.65
C LEU A 273 34.50 -27.58 -20.49
N PHE A 274 33.48 -27.99 -19.74
CA PHE A 274 33.68 -29.01 -18.72
C PHE A 274 34.13 -30.32 -19.35
N GLU A 275 33.52 -30.69 -20.48
CA GLU A 275 33.93 -31.90 -21.18
C GLU A 275 35.39 -31.81 -21.61
N GLU A 276 35.80 -30.66 -22.14
CA GLU A 276 37.18 -30.51 -22.61
C GLU A 276 38.16 -30.55 -21.45
N LYS A 277 37.87 -29.84 -20.37
CA LYS A 277 38.81 -29.73 -19.26
C LYS A 277 38.84 -30.97 -18.38
N ILE A 278 37.78 -31.78 -18.37
CA ILE A 278 37.76 -32.95 -17.50
C ILE A 278 38.72 -34.02 -18.01
N LYS A 279 38.90 -34.12 -19.33
CA LYS A 279 39.80 -35.13 -19.88
C LYS A 279 41.26 -34.75 -19.67
N LYS A 280 41.59 -33.47 -19.82
CA LYS A 280 42.95 -32.99 -19.67
C LYS A 280 43.33 -32.69 -18.22
N SER A 281 42.37 -32.70 -17.30
CA SER A 281 42.65 -32.38 -15.91
C SER A 281 41.61 -33.00 -14.99
N PRO A 282 42.04 -33.66 -13.92
CA PRO A 282 41.07 -34.25 -12.99
C PRO A 282 40.34 -33.19 -12.18
N LEU A 283 39.17 -33.57 -11.68
CA LEU A 283 38.39 -32.71 -10.79
C LEU A 283 38.92 -32.73 -9.36
N THR A 284 39.85 -33.63 -9.04
CA THR A 284 40.38 -33.73 -7.67
C THR A 284 41.13 -32.48 -7.24
N ILE A 285 41.57 -31.65 -8.20
CA ILE A 285 42.26 -30.42 -7.83
C ILE A 285 41.32 -29.47 -7.10
N CYS A 286 40.05 -29.46 -7.49
CA CYS A 286 39.07 -28.62 -6.79
C CYS A 286 38.57 -29.30 -5.53
N TYR A 287 38.15 -30.57 -5.63
CA TYR A 287 37.69 -31.34 -4.48
C TYR A 287 38.71 -32.44 -4.18
N PRO A 288 39.57 -32.27 -3.19
CA PRO A 288 40.59 -33.29 -2.92
C PRO A 288 40.03 -34.64 -2.50
N GLU A 289 38.80 -34.68 -2.00
CA GLU A 289 38.20 -35.90 -1.48
C GLU A 289 37.37 -36.64 -2.51
N TYR A 290 37.36 -36.17 -3.76
CA TYR A 290 36.59 -36.83 -4.81
C TYR A 290 37.24 -38.17 -5.15
N ALA A 291 36.55 -39.27 -4.83
CA ALA A 291 37.03 -40.61 -5.10
C ALA A 291 36.07 -41.27 -6.09
N GLY A 292 36.34 -41.09 -7.38
CA GLY A 292 35.49 -41.65 -8.40
C GLY A 292 36.12 -41.49 -9.76
N SER A 293 35.45 -42.07 -10.76
CA SER A 293 35.93 -41.99 -12.12
C SER A 293 35.92 -40.55 -12.61
N ASN A 294 36.97 -40.18 -13.35
CA ASN A 294 37.10 -38.83 -13.89
C ASN A 294 36.21 -38.58 -15.09
N THR A 295 35.26 -39.47 -15.36
CA THR A 295 34.34 -39.25 -16.46
C THR A 295 33.40 -38.09 -16.16
N TYR A 296 32.77 -37.58 -17.21
CA TYR A 296 31.95 -36.37 -17.07
C TYR A 296 30.74 -36.59 -16.16
N GLU A 297 30.07 -37.74 -16.29
CA GLU A 297 28.81 -37.95 -15.59
C GLU A 297 29.00 -37.97 -14.07
N GLU A 298 29.97 -38.75 -13.60
CA GLU A 298 30.22 -38.83 -12.16
C GLU A 298 30.67 -37.49 -11.59
N ALA A 299 31.53 -36.78 -12.32
CA ALA A 299 31.99 -35.47 -11.87
C ALA A 299 30.85 -34.48 -11.78
N ALA A 300 29.97 -34.47 -12.78
CA ALA A 300 28.83 -33.56 -12.75
C ALA A 300 27.88 -33.90 -11.61
N ALA A 301 27.65 -35.20 -11.37
CA ALA A 301 26.81 -35.60 -10.25
C ALA A 301 27.43 -35.17 -8.92
N TYR A 302 28.75 -35.32 -8.78
CA TYR A 302 29.42 -34.90 -7.55
C TYR A 302 29.29 -33.40 -7.34
N ILE A 303 29.47 -32.62 -8.41
CA ILE A 303 29.36 -31.16 -8.28
C ILE A 303 27.93 -30.78 -7.88
N GLN A 304 26.94 -31.39 -8.53
CA GLN A 304 25.55 -31.08 -8.22
C GLN A 304 25.21 -31.44 -6.78
N CYS A 305 25.67 -32.61 -6.30
CA CYS A 305 25.36 -32.99 -4.93
C CYS A 305 26.10 -32.12 -3.92
N GLN A 306 27.32 -31.68 -4.24
CA GLN A 306 28.02 -30.74 -3.37
C GLN A 306 27.26 -29.43 -3.27
N PHE A 307 26.73 -28.94 -4.39
CA PHE A 307 25.94 -27.71 -4.33
C PHE A 307 24.64 -27.91 -3.56
N GLU A 308 23.98 -29.06 -3.76
CA GLU A 308 22.69 -29.28 -3.12
C GLU A 308 22.81 -29.59 -1.64
N ASP A 309 23.97 -30.05 -1.17
CA ASP A 309 24.15 -30.34 0.24
C ASP A 309 24.20 -29.08 1.11
N LEU A 310 24.35 -27.90 0.51
CA LEU A 310 24.42 -26.67 1.28
C LEU A 310 23.07 -26.26 1.86
N ASN A 311 21.98 -26.74 1.28
CA ASN A 311 20.65 -26.40 1.77
C ASN A 311 20.39 -27.11 3.11
N LYS A 312 19.89 -26.36 4.09
CA LYS A 312 19.63 -26.89 5.41
C LYS A 312 18.15 -27.12 5.70
N ARG A 313 17.26 -26.31 5.15
CA ARG A 313 15.83 -26.51 5.39
C ARG A 313 15.34 -27.83 4.80
N LYS A 314 15.81 -28.17 3.60
CA LYS A 314 15.49 -29.44 2.95
C LYS A 314 14.00 -29.59 2.70
N ASP A 315 13.20 -29.69 3.77
CA ASP A 315 11.77 -29.90 3.60
C ASP A 315 11.06 -28.60 3.18
N THR A 316 11.50 -27.46 3.73
CA THR A 316 10.80 -26.21 3.47
C THR A 316 10.99 -25.73 2.03
N LYS A 317 12.22 -25.81 1.53
CA LYS A 317 12.55 -25.30 0.20
C LYS A 317 13.24 -26.38 -0.62
N GLU A 318 13.16 -26.24 -1.94
CA GLU A 318 13.73 -27.21 -2.86
C GLU A 318 14.59 -26.49 -3.90
N ILE A 319 15.51 -27.25 -4.49
CA ILE A 319 16.47 -26.74 -5.46
C ILE A 319 16.19 -27.41 -6.81
N TYR A 320 16.14 -26.61 -7.86
CA TYR A 320 15.99 -27.09 -9.23
C TYR A 320 17.31 -26.93 -9.95
N THR A 321 17.78 -28.00 -10.59
CA THR A 321 19.07 -28.02 -11.25
C THR A 321 18.91 -28.38 -12.72
N HIS A 322 19.67 -27.71 -13.59
CA HIS A 322 19.58 -27.93 -15.02
C HIS A 322 20.94 -27.60 -15.66
N PHE A 323 21.49 -28.56 -16.39
CA PHE A 323 22.77 -28.38 -17.08
C PHE A 323 22.53 -27.70 -18.43
N THR A 324 23.32 -26.68 -18.73
CA THR A 324 23.15 -25.88 -19.94
C THR A 324 24.48 -25.74 -20.65
N CYS A 325 24.51 -26.05 -21.94
CA CYS A 325 25.64 -25.69 -22.79
C CYS A 325 25.23 -24.76 -23.92
N SER A 326 24.31 -25.19 -24.79
CA SER A 326 23.78 -24.36 -25.86
C SER A 326 22.30 -24.63 -26.09
N THR A 327 21.58 -24.99 -25.03
CA THR A 327 20.18 -25.40 -25.17
C THR A 327 19.33 -24.26 -25.71
N ASP A 328 18.35 -24.63 -26.55
CA ASP A 328 17.52 -23.66 -27.26
C ASP A 328 16.08 -23.81 -26.79
N THR A 329 15.54 -22.76 -26.18
CA THR A 329 14.15 -22.70 -25.71
C THR A 329 13.82 -23.92 -24.85
N LYS A 330 14.78 -24.31 -24.01
CA LYS A 330 14.58 -25.35 -23.02
C LYS A 330 14.80 -24.85 -21.60
N ASN A 331 15.67 -23.87 -21.41
CA ASN A 331 15.85 -23.27 -20.09
C ASN A 331 14.60 -22.49 -19.68
N VAL A 332 13.96 -21.84 -20.64
CA VAL A 332 12.72 -21.11 -20.37
C VAL A 332 11.64 -22.07 -19.90
N GLN A 333 11.57 -23.25 -20.52
CA GLN A 333 10.60 -24.26 -20.10
C GLN A 333 10.89 -24.75 -18.68
N PHE A 334 12.17 -24.91 -18.35
CA PHE A 334 12.53 -25.32 -16.98
C PHE A 334 12.10 -24.26 -15.97
N VAL A 335 12.36 -22.98 -16.28
CA VAL A 335 11.94 -21.89 -15.41
C VAL A 335 10.43 -21.88 -15.28
N PHE A 336 9.71 -22.11 -16.38
CA PHE A 336 8.27 -22.13 -16.37
C PHE A 336 7.75 -23.24 -15.45
N ASP A 337 8.35 -24.43 -15.53
CA ASP A 337 7.91 -25.53 -14.69
C ASP A 337 8.15 -25.25 -13.21
N ALA A 338 9.34 -24.73 -12.87
CA ALA A 338 9.61 -24.41 -11.47
C ALA A 338 8.67 -23.33 -10.95
N VAL A 339 8.41 -22.31 -11.78
CA VAL A 339 7.51 -21.23 -11.37
C VAL A 339 6.08 -21.76 -11.22
N THR A 340 5.67 -22.70 -12.07
CA THR A 340 4.35 -23.30 -11.93
C THR A 340 4.24 -24.07 -10.62
N ASP A 341 5.29 -24.80 -10.24
CA ASP A 341 5.27 -25.49 -8.95
C ASP A 341 5.15 -24.49 -7.80
N VAL A 342 5.90 -23.39 -7.87
CA VAL A 342 5.83 -22.37 -6.81
C VAL A 342 4.43 -21.76 -6.75
N ILE A 343 3.82 -21.49 -7.91
CA ILE A 343 2.50 -20.89 -7.95
C ILE A 343 1.45 -21.85 -7.39
N ILE A 344 1.59 -23.15 -7.68
CA ILE A 344 0.68 -24.13 -7.11
C ILE A 344 0.82 -24.19 -5.59
N LYS A 345 2.05 -24.11 -5.09
CA LYS A 345 2.23 -24.06 -3.63
C LYS A 345 1.57 -22.83 -3.03
N ASN A 346 1.71 -21.67 -3.68
CA ASN A 346 1.06 -20.47 -3.18
C ASN A 346 -0.46 -20.61 -3.18
N ASN A 347 -1.01 -21.19 -4.25
CA ASN A 347 -2.45 -21.42 -4.32
C ASN A 347 -2.93 -22.33 -3.21
N LEU A 348 -2.18 -23.40 -2.94
CA LEU A 348 -2.57 -24.33 -1.88
C LEU A 348 -2.47 -23.68 -0.51
N LYS A 349 -1.48 -22.81 -0.30
CA LYS A 349 -1.44 -22.03 0.93
C LYS A 349 -2.67 -21.13 1.04
N ASP A 350 -3.07 -20.51 -0.07
CA ASP A 350 -4.23 -19.63 -0.06
C ASP A 350 -5.51 -20.40 0.28
N CYS A 351 -5.68 -21.59 -0.29
CA CYS A 351 -6.89 -22.36 -0.02
C CYS A 351 -6.97 -22.85 1.42
N GLY A 352 -5.87 -22.77 2.17
CA GLY A 352 -5.82 -23.32 3.50
C GLY A 352 -5.49 -24.80 3.54
N LEU A 353 -5.54 -25.49 2.38
CA LEU A 353 -5.20 -26.90 2.28
C LEU A 353 -3.68 -27.04 2.22
N PHE A 354 -3.06 -26.86 3.38
CA PHE A 354 -1.59 -26.83 3.44
C PHE A 354 -1.10 -27.12 4.85
N GLN B 1 58.39 -0.21 4.29
CA GLN B 1 57.09 0.31 4.72
C GLN B 1 57.18 0.99 6.07
N SER B 2 58.35 1.55 6.39
CA SER B 2 58.53 2.23 7.65
C SER B 2 57.72 3.53 7.71
N GLU B 3 57.57 4.21 6.58
CA GLU B 3 56.76 5.41 6.54
C GLU B 3 55.31 5.11 6.88
N LEU B 4 54.78 4.01 6.34
CA LEU B 4 53.41 3.61 6.65
C LEU B 4 53.26 3.30 8.14
N ASP B 5 54.24 2.60 8.71
CA ASP B 5 54.18 2.27 10.13
C ASP B 5 54.22 3.53 11.00
N GLN B 6 55.10 4.48 10.66
CA GLN B 6 55.17 5.69 11.46
C GLN B 6 53.92 6.55 11.29
N LEU B 7 53.31 6.54 10.10
CA LEU B 7 52.04 7.24 9.91
C LEU B 7 50.93 6.59 10.74
N ARG B 8 50.89 5.26 10.78
CA ARG B 8 49.91 4.57 11.61
C ARG B 8 50.11 4.91 13.08
N GLN B 9 51.36 4.93 13.54
CA GLN B 9 51.63 5.27 14.93
C GLN B 9 51.24 6.71 15.24
N GLU B 10 51.51 7.64 14.32
CA GLU B 10 51.12 9.03 14.52
C GLU B 10 49.61 9.16 14.58
N ALA B 11 48.90 8.46 13.70
CA ALA B 11 47.43 8.49 13.74
C ALA B 11 46.90 7.93 15.05
N GLU B 12 47.49 6.83 15.52
CA GLU B 12 47.05 6.23 16.78
C GLU B 12 47.30 7.18 17.94
N GLN B 13 48.45 7.85 17.96
CA GLN B 13 48.74 8.77 19.05
C GLN B 13 47.85 10.01 18.99
N LEU B 14 47.50 10.48 17.78
CA LEU B 14 46.55 11.58 17.66
C LEU B 14 45.18 11.17 18.18
N LYS B 15 44.74 9.94 17.86
CA LYS B 15 43.47 9.45 18.39
C LYS B 15 43.50 9.36 19.90
N ASN B 16 44.62 8.89 20.46
CA ASN B 16 44.74 8.80 21.92
C ASN B 16 44.71 10.19 22.54
N GLN B 17 45.35 11.18 21.91
CA GLN B 17 45.31 12.54 22.41
C GLN B 17 43.89 13.10 22.39
N ILE B 18 43.16 12.85 21.30
CA ILE B 18 41.77 13.32 21.23
C ILE B 18 40.92 12.66 22.30
N ARG B 19 41.10 11.35 22.51
CA ARG B 19 40.35 10.65 23.55
C ARG B 19 40.68 11.19 24.93
N ASP B 20 41.96 11.47 25.18
CA ASP B 20 42.37 12.02 26.48
C ASP B 20 41.78 13.41 26.70
N ALA B 21 41.76 14.24 25.66
CA ALA B 21 41.15 15.56 25.79
C ALA B 21 39.66 15.45 26.08
N ARG B 22 38.97 14.54 25.38
CA ARG B 22 37.55 14.33 25.65
C ARG B 22 37.32 13.86 27.08
N LYS B 23 38.14 12.94 27.56
CA LYS B 23 37.99 12.46 28.93
C LYS B 23 38.25 13.56 29.95
N ALA B 24 39.29 14.37 29.70
CA ALA B 24 39.61 15.46 30.62
C ALA B 24 38.53 16.53 30.63
N CYS B 25 37.83 16.71 29.50
CA CYS B 25 36.73 17.67 29.46
C CYS B 25 35.44 17.11 30.05
N ALA B 26 35.39 15.83 30.40
CA ALA B 26 34.19 15.19 30.89
C ALA B 26 34.12 15.30 32.40
N ASP B 27 33.20 16.12 32.91
CA ASP B 27 32.92 16.22 34.33
C ASP B 27 31.44 15.98 34.56
N ALA B 28 31.13 15.10 35.51
CA ALA B 28 29.76 14.70 35.81
C ALA B 28 29.07 14.11 34.59
N THR B 29 27.76 13.88 34.68
CA THR B 29 26.97 13.33 33.59
C THR B 29 25.67 14.09 33.46
N LEU B 30 24.96 13.84 32.36
CA LEU B 30 23.65 14.45 32.16
C LEU B 30 22.64 13.97 33.20
N SER B 31 22.69 12.69 33.56
CA SER B 31 21.73 12.15 34.51
C SER B 31 21.85 12.82 35.87
N GLN B 32 23.09 13.04 36.32
CA GLN B 32 23.30 13.65 37.64
C GLN B 32 22.71 15.04 37.71
N ILE B 33 22.89 15.83 36.65
CA ILE B 33 22.32 17.17 36.61
C ILE B 33 20.81 17.11 36.50
N THR B 34 20.29 16.19 35.68
CA THR B 34 18.87 16.14 35.38
C THR B 34 18.04 15.57 36.53
N ASN B 35 18.66 14.82 37.44
CA ASN B 35 17.90 14.14 38.49
C ASN B 35 17.10 15.11 39.36
N ASN B 36 17.46 16.39 39.40
CA ASN B 36 16.72 17.35 40.20
C ASN B 36 15.29 17.54 39.70
N ILE B 37 15.10 17.62 38.39
CA ILE B 37 13.80 17.99 37.84
C ILE B 37 12.83 16.82 37.95
N ASP B 38 11.54 17.14 37.98
CA ASP B 38 10.51 16.12 38.08
C ASP B 38 10.38 15.36 36.76
N PRO B 39 10.04 14.06 36.83
CA PRO B 39 9.91 13.28 35.60
C PRO B 39 8.61 13.59 34.87
N VAL B 40 8.63 13.33 33.56
CA VAL B 40 7.45 13.51 32.73
C VAL B 40 6.44 12.41 33.05
N GLY B 41 5.17 12.73 32.88
CA GLY B 41 4.12 11.75 33.15
C GLY B 41 4.02 10.71 32.06
N ARG B 42 3.17 9.71 32.32
CA ARG B 42 2.93 8.67 31.32
C ARG B 42 2.28 9.28 30.09
N ILE B 43 2.69 8.79 28.92
CA ILE B 43 2.24 9.32 27.64
C ILE B 43 1.19 8.38 27.08
N GLN B 44 -0.05 8.89 26.95
CA GLN B 44 -1.15 8.15 26.36
C GLN B 44 -1.46 8.77 24.99
N MET B 45 -0.95 8.15 23.94
CA MET B 45 -1.15 8.62 22.58
C MET B 45 -2.01 7.62 21.82
N ARG B 46 -2.92 8.14 20.99
CA ARG B 46 -3.91 7.31 20.32
C ARG B 46 -3.87 7.54 18.81
N THR B 47 -4.18 6.49 18.06
CA THR B 47 -4.24 6.60 16.61
C THR B 47 -5.42 7.49 16.22
N ARG B 48 -5.15 8.52 15.43
CA ARG B 48 -6.19 9.43 14.98
C ARG B 48 -6.56 9.24 13.51
N ARG B 49 -5.60 8.87 12.67
CA ARG B 49 -5.87 8.65 11.25
C ARG B 49 -5.16 7.37 10.80
N THR B 50 -5.71 6.75 9.76
CA THR B 50 -5.10 5.59 9.11
C THR B 50 -5.17 5.81 7.61
N LEU B 51 -4.00 5.87 6.96
CA LEU B 51 -3.92 6.13 5.53
C LEU B 51 -3.71 4.81 4.80
N ARG B 52 -4.63 4.50 3.88
CA ARG B 52 -4.61 3.26 3.13
C ARG B 52 -4.48 3.56 1.64
N GLY B 53 -3.92 2.61 0.90
CA GLY B 53 -3.74 2.77 -0.52
C GLY B 53 -2.44 2.20 -1.06
N HIS B 54 -1.39 2.20 -0.24
CA HIS B 54 -0.15 1.53 -0.62
C HIS B 54 -0.35 0.02 -0.60
N LEU B 55 0.17 -0.64 -1.64
CA LEU B 55 -0.04 -2.07 -1.81
C LEU B 55 1.25 -2.88 -1.61
N ALA B 56 2.26 -2.28 -0.98
CA ALA B 56 3.50 -2.98 -0.69
C ALA B 56 4.14 -2.32 0.52
N LYS B 57 5.36 -2.74 0.86
CA LYS B 57 6.05 -2.21 2.02
C LYS B 57 6.40 -0.73 1.82
N ILE B 58 6.31 0.03 2.90
CA ILE B 58 6.57 1.46 2.88
C ILE B 58 7.94 1.71 3.50
N TYR B 59 8.78 2.45 2.79
CA TYR B 59 10.17 2.63 3.19
C TYR B 59 10.49 4.01 3.73
N ALA B 60 9.76 5.05 3.35
CA ALA B 60 10.11 6.40 3.79
C ALA B 60 8.88 7.29 3.74
N MET B 61 8.94 8.38 4.51
CA MET B 61 7.94 9.44 4.45
C MET B 61 8.59 10.74 4.91
N HIS B 62 7.94 11.85 4.58
CA HIS B 62 8.44 13.16 5.00
C HIS B 62 7.26 14.13 5.14
N TRP B 63 7.24 14.87 6.25
CA TRP B 63 6.21 15.86 6.48
C TRP B 63 6.50 17.13 5.68
N GLY B 64 5.42 17.77 5.22
CA GLY B 64 5.56 19.11 4.69
C GLY B 64 5.72 20.15 5.78
N THR B 65 6.18 21.33 5.40
CA THR B 65 6.40 22.41 6.36
C THR B 65 5.11 23.02 6.87
N ASP B 66 3.98 22.78 6.21
CA ASP B 66 2.69 23.28 6.68
C ASP B 66 2.04 22.36 7.71
N SER B 67 2.64 21.22 8.01
CA SER B 67 2.15 20.25 9.00
C SER B 67 0.81 19.65 8.61
N ARG B 68 0.43 19.73 7.33
CA ARG B 68 -0.80 19.12 6.84
C ARG B 68 -0.55 18.10 5.76
N LEU B 69 0.26 18.42 4.76
CA LEU B 69 0.57 17.49 3.68
C LEU B 69 1.80 16.65 4.03
N LEU B 70 1.87 15.45 3.47
CA LEU B 70 3.03 14.60 3.63
C LEU B 70 3.14 13.69 2.40
N VAL B 71 4.34 13.16 2.19
CA VAL B 71 4.63 12.28 1.07
C VAL B 71 5.11 10.95 1.61
N SER B 72 4.70 9.85 0.96
CA SER B 72 5.10 8.52 1.35
C SER B 72 5.57 7.74 0.13
N ALA B 73 6.56 6.87 0.35
CA ALA B 73 7.18 6.10 -0.72
C ALA B 73 7.03 4.61 -0.43
N SER B 74 6.62 3.85 -1.44
CA SER B 74 6.44 2.42 -1.30
C SER B 74 7.07 1.70 -2.48
N GLN B 75 7.45 0.45 -2.27
CA GLN B 75 8.10 -0.35 -3.29
C GLN B 75 7.11 -0.95 -4.29
N ASP B 76 5.88 -0.45 -4.33
CA ASP B 76 4.96 -0.71 -5.43
C ASP B 76 5.14 0.28 -6.56
N GLY B 77 6.21 1.05 -6.56
CA GLY B 77 6.47 2.06 -7.56
C GLY B 77 5.52 3.24 -7.54
N LYS B 78 5.20 3.76 -6.36
CA LYS B 78 4.26 4.87 -6.23
C LYS B 78 4.73 5.85 -5.16
N LEU B 79 4.57 7.13 -5.45
CA LEU B 79 4.65 8.19 -4.46
C LEU B 79 3.25 8.76 -4.26
N ILE B 80 2.81 8.84 -3.01
CA ILE B 80 1.50 9.35 -2.67
C ILE B 80 1.65 10.55 -1.75
N ILE B 81 1.03 11.67 -2.11
CA ILE B 81 0.97 12.85 -1.27
C ILE B 81 -0.42 12.89 -0.62
N TRP B 82 -0.44 12.92 0.71
CA TRP B 82 -1.67 12.81 1.47
C TRP B 82 -2.05 14.15 2.09
N ASP B 83 -3.36 14.34 2.27
CA ASP B 83 -3.90 15.38 3.14
C ASP B 83 -4.22 14.73 4.47
N SER B 84 -3.40 15.01 5.49
CA SER B 84 -3.53 14.30 6.76
C SER B 84 -4.80 14.65 7.51
N TYR B 85 -5.44 15.78 7.19
CA TYR B 85 -6.67 16.15 7.88
C TYR B 85 -7.87 15.37 7.37
N THR B 86 -8.09 15.39 6.05
CA THR B 86 -9.23 14.74 5.44
C THR B 86 -8.94 13.32 4.95
N THR B 87 -7.70 12.85 5.11
CA THR B 87 -7.22 11.54 4.64
C THR B 87 -7.21 11.46 3.11
N ASN B 88 -7.56 12.55 2.43
CA ASN B 88 -7.63 12.55 0.97
C ASN B 88 -6.25 12.38 0.34
N LYS B 89 -6.24 11.83 -0.87
CA LYS B 89 -5.03 11.71 -1.68
C LYS B 89 -4.98 12.85 -2.67
N VAL B 90 -3.89 13.62 -2.63
CA VAL B 90 -3.72 14.75 -3.54
C VAL B 90 -3.08 14.32 -4.85
N HIS B 91 -1.96 13.60 -4.78
CA HIS B 91 -1.22 13.17 -5.96
C HIS B 91 -0.79 11.73 -5.80
N ALA B 92 -0.64 11.04 -6.93
CA ALA B 92 -0.06 9.70 -6.98
C ALA B 92 0.92 9.66 -8.15
N ILE B 93 2.21 9.66 -7.85
CA ILE B 93 3.26 9.77 -8.87
C ILE B 93 3.78 8.37 -9.17
N PRO B 94 3.64 7.86 -10.39
CA PRO B 94 4.27 6.59 -10.74
C PRO B 94 5.76 6.76 -10.98
N LEU B 95 6.54 5.81 -10.46
CA LEU B 95 7.99 5.87 -10.49
C LEU B 95 8.55 5.00 -11.61
N ARG B 96 9.59 5.51 -12.27
CA ARG B 96 10.24 4.74 -13.33
C ARG B 96 10.88 3.47 -12.78
N SER B 97 11.53 3.58 -11.62
CA SER B 97 12.11 2.43 -10.93
C SER B 97 11.38 2.21 -9.62
N SER B 98 10.92 1.00 -9.39
CA SER B 98 10.10 0.69 -8.22
C SER B 98 10.93 0.44 -6.96
N TRP B 99 12.25 0.41 -7.06
CA TRP B 99 13.10 0.10 -5.91
C TRP B 99 13.49 1.36 -5.14
N VAL B 100 12.49 2.16 -4.79
CA VAL B 100 12.70 3.40 -4.07
C VAL B 100 12.76 3.12 -2.57
N MET B 101 13.70 3.75 -1.88
CA MET B 101 13.74 3.64 -0.43
C MET B 101 14.16 4.94 0.24
N THR B 102 13.87 6.08 -0.38
CA THR B 102 14.00 7.39 0.27
C THR B 102 13.11 8.38 -0.46
N CYS B 103 12.66 9.39 0.28
CA CYS B 103 11.88 10.47 -0.31
C CYS B 103 12.02 11.72 0.55
N ALA B 104 11.83 12.87 -0.10
CA ALA B 104 11.95 14.16 0.57
C ALA B 104 10.95 15.13 -0.05
N TYR B 105 10.54 16.12 0.74
CA TYR B 105 9.56 17.12 0.32
C TYR B 105 10.20 18.49 0.48
N ALA B 106 10.15 19.30 -0.57
CA ALA B 106 10.83 20.59 -0.56
C ALA B 106 10.16 21.54 0.43
N PRO B 107 10.94 22.36 1.14
CA PRO B 107 10.33 23.30 2.11
C PRO B 107 9.39 24.30 1.48
N SER B 108 9.59 24.67 0.21
CA SER B 108 8.64 25.52 -0.47
C SER B 108 7.37 24.80 -0.87
N GLY B 109 7.35 23.47 -0.79
CA GLY B 109 6.20 22.70 -1.19
C GLY B 109 6.05 22.49 -2.67
N ASN B 110 7.01 22.93 -3.47
CA ASN B 110 6.90 22.86 -4.93
C ASN B 110 7.50 21.59 -5.53
N TYR B 111 8.36 20.88 -4.79
CA TYR B 111 9.11 19.77 -5.36
C TYR B 111 9.12 18.58 -4.41
N VAL B 112 9.27 17.39 -4.99
CA VAL B 112 9.43 16.13 -4.26
C VAL B 112 10.60 15.38 -4.88
N ALA B 113 11.38 14.70 -4.04
CA ALA B 113 12.52 13.91 -4.51
C ALA B 113 12.40 12.48 -4.00
N CYS B 114 12.94 11.54 -4.76
CA CYS B 114 12.97 10.14 -4.37
C CYS B 114 14.11 9.43 -5.07
N GLY B 115 14.52 8.30 -4.50
CA GLY B 115 15.62 7.54 -5.06
C GLY B 115 15.75 6.20 -4.37
N GLY B 116 16.60 5.34 -4.96
CA GLY B 116 16.77 4.00 -4.44
C GLY B 116 17.89 3.21 -5.07
N LEU B 117 17.61 1.95 -5.43
CA LEU B 117 18.63 1.05 -5.98
C LEU B 117 19.05 1.41 -7.39
N ASP B 118 18.38 2.34 -8.05
CA ASP B 118 18.77 2.79 -9.38
C ASP B 118 19.94 3.76 -9.36
N ASN B 119 20.38 4.18 -8.16
CA ASN B 119 21.48 5.12 -7.97
C ASN B 119 21.17 6.51 -8.55
N ILE B 120 19.90 6.85 -8.69
CA ILE B 120 19.48 8.10 -9.32
C ILE B 120 18.51 8.82 -8.41
N CYS B 121 18.72 10.12 -8.21
CA CYS B 121 17.80 10.97 -7.46
C CYS B 121 16.95 11.76 -8.46
N SER B 122 15.64 11.53 -8.42
CA SER B 122 14.72 12.19 -9.33
C SER B 122 14.00 13.33 -8.62
N ILE B 123 13.73 14.39 -9.36
CA ILE B 123 13.05 15.58 -8.86
C ILE B 123 11.75 15.73 -9.62
N TYR B 124 10.66 15.97 -8.89
CA TYR B 124 9.33 16.07 -9.48
C TYR B 124 8.76 17.45 -9.23
N ASN B 125 8.21 18.05 -10.29
CA ASN B 125 7.60 19.38 -10.21
C ASN B 125 6.12 19.23 -9.91
N LEU B 126 5.71 19.64 -8.71
CA LEU B 126 4.31 19.53 -8.31
C LEU B 126 3.44 20.62 -8.95
N LYS B 127 3.98 21.82 -9.14
CA LYS B 127 3.22 22.95 -9.66
C LYS B 127 3.59 23.14 -11.13
N THR B 128 2.79 22.57 -12.02
CA THR B 128 3.01 22.66 -13.45
C THR B 128 1.85 23.38 -14.10
N ARG B 129 2.12 23.98 -15.28
CA ARG B 129 1.07 24.65 -16.02
C ARG B 129 0.00 23.67 -16.48
N GLU B 130 0.38 22.43 -16.74
CA GLU B 130 -0.59 21.37 -17.00
C GLU B 130 -1.15 20.86 -15.68
N GLY B 131 -1.86 19.73 -15.71
CA GLY B 131 -2.45 19.21 -14.50
C GLY B 131 -1.68 18.06 -13.87
N ASN B 132 -0.57 17.66 -14.48
CA ASN B 132 0.16 16.48 -14.07
C ASN B 132 1.45 16.86 -13.35
N VAL B 133 2.07 15.85 -12.74
CA VAL B 133 3.37 15.98 -12.10
C VAL B 133 4.43 15.45 -13.05
N ARG B 134 5.47 16.26 -13.29
CA ARG B 134 6.51 15.93 -14.25
C ARG B 134 7.86 15.82 -13.55
N VAL B 135 8.74 15.01 -14.13
CA VAL B 135 10.12 14.93 -13.69
C VAL B 135 10.88 16.13 -14.23
N SER B 136 11.56 16.86 -13.36
CA SER B 136 12.33 18.03 -13.78
C SER B 136 13.82 17.80 -13.86
N ARG B 137 14.34 16.78 -13.17
CA ARG B 137 15.78 16.53 -13.16
C ARG B 137 16.05 15.13 -12.64
N GLU B 138 17.13 14.53 -13.15
CA GLU B 138 17.65 13.26 -12.64
C GLU B 138 19.13 13.43 -12.35
N LEU B 139 19.54 13.12 -11.12
CA LEU B 139 20.92 13.26 -10.69
C LEU B 139 21.55 11.87 -10.65
N ALA B 140 22.55 11.64 -11.51
CA ALA B 140 23.08 10.30 -11.76
C ALA B 140 24.61 10.29 -11.59
N GLY B 141 25.09 10.81 -10.47
CA GLY B 141 26.51 10.84 -10.21
C GLY B 141 27.02 9.82 -9.24
N HIS B 142 26.13 9.08 -8.59
CA HIS B 142 26.52 8.11 -7.58
C HIS B 142 26.78 6.74 -8.18
N THR B 143 27.60 5.95 -7.50
CA THR B 143 27.90 4.58 -7.89
C THR B 143 27.32 3.55 -6.92
N GLY B 144 26.49 3.98 -5.97
CA GLY B 144 25.83 3.08 -5.06
C GLY B 144 24.39 3.49 -4.84
N TYR B 145 23.66 2.65 -4.11
CA TYR B 145 22.25 2.91 -3.86
C TYR B 145 22.07 4.19 -3.06
N LEU B 146 21.01 4.93 -3.35
CA LEU B 146 20.67 6.13 -2.59
C LEU B 146 19.93 5.74 -1.32
N SER B 147 20.41 6.26 -0.19
CA SER B 147 19.80 5.96 1.11
C SER B 147 19.00 7.10 1.70
N CYS B 148 19.36 8.35 1.41
CA CYS B 148 18.65 9.49 1.98
C CYS B 148 18.89 10.72 1.12
N CYS B 149 17.97 11.67 1.22
CA CYS B 149 18.08 12.94 0.50
C CYS B 149 17.26 14.00 1.25
N ARG B 150 17.78 15.22 1.28
CA ARG B 150 17.12 16.33 1.96
C ARG B 150 17.34 17.61 1.18
N PHE B 151 16.26 18.34 0.91
CA PHE B 151 16.36 19.62 0.24
C PHE B 151 16.98 20.68 1.16
N LEU B 152 17.74 21.59 0.56
CA LEU B 152 18.14 22.83 1.21
C LEU B 152 17.26 23.99 0.78
N ASP B 153 16.99 24.09 -0.52
CA ASP B 153 16.04 25.04 -1.09
C ASP B 153 15.60 24.46 -2.42
N ASP B 154 14.96 25.29 -3.25
CA ASP B 154 14.47 24.80 -4.53
C ASP B 154 15.58 24.47 -5.51
N ASN B 155 16.83 24.83 -5.21
CA ASN B 155 17.93 24.60 -6.13
C ASN B 155 19.06 23.75 -5.58
N GLN B 156 18.99 23.36 -4.29
CA GLN B 156 20.06 22.58 -3.68
C GLN B 156 19.48 21.39 -2.93
N ILE B 157 20.12 20.23 -3.07
CA ILE B 157 19.73 19.01 -2.36
C ILE B 157 21.00 18.26 -1.98
N VAL B 158 20.95 17.58 -0.83
CA VAL B 158 22.05 16.78 -0.32
C VAL B 158 21.60 15.32 -0.29
N THR B 159 22.41 14.44 -0.87
CA THR B 159 22.09 13.02 -0.94
C THR B 159 23.21 12.20 -0.31
N SER B 160 22.84 11.03 0.21
CA SER B 160 23.79 10.05 0.74
C SER B 160 23.59 8.72 0.01
N SER B 161 24.68 7.98 -0.16
CA SER B 161 24.66 6.79 -1.01
C SER B 161 25.43 5.67 -0.36
N GLY B 162 25.32 4.49 -0.97
CA GLY B 162 26.07 3.32 -0.56
C GLY B 162 27.50 3.27 -1.02
N ASP B 163 27.93 4.26 -1.82
CA ASP B 163 29.33 4.36 -2.22
C ASP B 163 30.17 5.08 -1.17
N THR B 164 29.68 5.15 0.07
CA THR B 164 30.38 5.70 1.22
C THR B 164 30.60 7.21 1.13
N THR B 165 29.87 7.91 0.26
CA THR B 165 30.04 9.34 0.09
C THR B 165 28.70 10.05 0.17
N CYS B 166 28.76 11.34 0.51
CA CYS B 166 27.64 12.26 0.42
C CYS B 166 27.99 13.36 -0.58
N ALA B 167 26.96 13.86 -1.27
CA ALA B 167 27.18 14.85 -2.32
C ALA B 167 26.16 15.96 -2.22
N LEU B 168 26.58 17.17 -2.58
CA LEU B 168 25.71 18.34 -2.67
C LEU B 168 25.51 18.67 -4.15
N TRP B 169 24.26 18.86 -4.55
CA TRP B 169 23.91 18.98 -5.95
C TRP B 169 23.37 20.36 -6.28
N ASP B 170 23.59 20.78 -7.52
CA ASP B 170 22.95 21.96 -8.09
C ASP B 170 21.87 21.44 -9.03
N ILE B 171 20.61 21.62 -8.63
CA ILE B 171 19.50 20.99 -9.33
C ILE B 171 19.36 21.54 -10.74
N GLU B 172 19.49 22.87 -10.90
CA GLU B 172 19.26 23.48 -12.20
C GLU B 172 20.28 23.02 -13.24
N THR B 173 21.55 22.91 -12.84
CA THR B 173 22.57 22.40 -13.75
C THR B 173 22.72 20.89 -13.71
N GLY B 174 22.22 20.24 -12.66
CA GLY B 174 22.31 18.79 -12.58
C GLY B 174 23.68 18.25 -12.28
N GLN B 175 24.58 19.08 -11.73
CA GLN B 175 25.96 18.68 -11.48
C GLN B 175 26.25 18.73 -9.99
N GLN B 176 27.20 17.90 -9.57
CA GLN B 176 27.65 17.87 -8.18
C GLN B 176 28.46 19.13 -7.89
N THR B 177 28.14 19.80 -6.78
CA THR B 177 28.91 20.96 -6.36
C THR B 177 30.04 20.57 -5.42
N THR B 178 29.75 19.74 -4.43
CA THR B 178 30.74 19.29 -3.46
C THR B 178 30.54 17.80 -3.20
N THR B 179 31.62 17.12 -2.83
CA THR B 179 31.60 15.72 -2.47
C THR B 179 32.17 15.55 -1.07
N PHE B 180 31.47 14.82 -0.23
CA PHE B 180 31.88 14.58 1.15
C PHE B 180 32.33 13.13 1.29
N THR B 181 33.62 12.93 1.55
CA THR B 181 34.21 11.60 1.61
C THR B 181 34.93 11.41 2.93
N GLY B 182 35.02 10.15 3.38
CA GLY B 182 35.75 9.83 4.59
C GLY B 182 35.16 8.74 5.45
N HIS B 183 33.96 8.26 5.11
CA HIS B 183 33.26 7.31 5.97
C HIS B 183 33.87 5.91 5.90
N THR B 184 34.23 5.45 4.70
CA THR B 184 34.66 4.06 4.47
C THR B 184 33.59 3.06 4.94
N GLY B 185 32.35 3.34 4.58
CA GLY B 185 31.24 2.45 4.89
C GLY B 185 29.96 3.02 4.35
N ASP B 186 28.97 2.13 4.17
CA ASP B 186 27.70 2.55 3.59
C ASP B 186 27.05 3.63 4.43
N VAL B 187 26.82 4.80 3.84
CA VAL B 187 26.13 5.88 4.53
C VAL B 187 24.63 5.64 4.44
N MET B 188 23.97 5.63 5.59
CA MET B 188 22.59 5.20 5.66
C MET B 188 21.58 6.32 5.93
N SER B 189 21.99 7.42 6.53
CA SER B 189 21.04 8.44 6.95
C SER B 189 21.70 9.81 6.97
N LEU B 190 20.85 10.84 6.90
CA LEU B 190 21.26 12.24 6.90
C LEU B 190 20.37 13.03 7.86
N SER B 191 20.88 14.16 8.31
CA SER B 191 20.10 15.08 9.13
C SER B 191 20.65 16.49 8.98
N LEU B 192 19.81 17.42 8.52
CA LEU B 192 20.22 18.79 8.32
C LEU B 192 20.04 19.61 9.60
N ALA B 193 20.95 20.54 9.82
CA ALA B 193 20.81 21.46 10.94
C ALA B 193 19.71 22.49 10.64
N PRO B 194 19.09 23.05 11.68
CA PRO B 194 18.05 24.06 11.44
C PRO B 194 18.53 25.26 10.66
N ASP B 195 19.79 25.69 10.83
CA ASP B 195 20.32 26.82 10.09
C ASP B 195 20.85 26.44 8.72
N THR B 196 20.82 25.16 8.36
CA THR B 196 21.26 24.59 7.08
C THR B 196 22.74 24.80 6.80
N ARG B 197 23.51 25.31 7.77
CA ARG B 197 24.95 25.46 7.58
C ARG B 197 25.72 24.15 7.73
N LEU B 198 25.16 23.17 8.45
CA LEU B 198 25.83 21.91 8.72
C LEU B 198 24.85 20.76 8.55
N PHE B 199 25.38 19.55 8.45
CA PHE B 199 24.57 18.34 8.47
C PHE B 199 25.41 17.19 9.01
N VAL B 200 24.72 16.18 9.54
CA VAL B 200 25.36 15.00 10.10
C VAL B 200 24.95 13.78 9.30
N SER B 201 25.76 12.74 9.38
CA SER B 201 25.52 11.49 8.66
C SER B 201 25.95 10.31 9.53
N GLY B 202 25.31 9.18 9.30
CA GLY B 202 25.65 7.95 9.99
C GLY B 202 25.88 6.81 9.01
N ALA B 203 26.94 6.04 9.20
CA ALA B 203 27.32 5.02 8.24
C ALA B 203 27.48 3.67 8.92
N CYS B 204 27.73 2.64 8.11
CA CYS B 204 27.85 1.27 8.59
C CYS B 204 29.15 1.01 9.34
N ASP B 205 30.09 1.96 9.33
CA ASP B 205 31.30 1.84 10.12
C ASP B 205 31.08 2.20 11.59
N ALA B 206 29.81 2.33 12.01
CA ALA B 206 29.46 2.65 13.39
C ALA B 206 30.05 3.98 13.84
N SER B 207 30.05 4.97 12.95
CA SER B 207 30.54 6.30 13.25
C SER B 207 29.63 7.34 12.64
N ALA B 208 29.64 8.53 13.24
CA ALA B 208 28.89 9.67 12.75
C ALA B 208 29.83 10.85 12.54
N LYS B 209 29.57 11.64 11.51
CA LYS B 209 30.43 12.76 11.14
C LYS B 209 29.61 14.02 10.94
N LEU B 210 30.23 15.16 11.27
CA LEU B 210 29.62 16.47 11.09
C LEU B 210 30.35 17.21 9.98
N TRP B 211 29.59 17.69 8.99
CA TRP B 211 30.15 18.31 7.80
C TRP B 211 29.77 19.78 7.73
N ASP B 212 30.65 20.57 7.14
CA ASP B 212 30.36 21.96 6.80
C ASP B 212 29.98 22.02 5.33
N VAL B 213 28.75 22.48 5.06
CA VAL B 213 28.25 22.49 3.69
C VAL B 213 29.07 23.44 2.82
N ARG B 214 29.36 24.64 3.33
CA ARG B 214 30.05 25.65 2.53
C ARG B 214 31.48 25.21 2.21
N GLU B 215 32.20 24.69 3.20
CA GLU B 215 33.60 24.31 3.03
C GLU B 215 33.78 22.88 2.54
N GLY B 216 32.78 22.03 2.67
CA GLY B 216 32.90 20.65 2.25
C GLY B 216 33.94 19.86 3.02
N MET B 217 34.00 20.05 4.33
CA MET B 217 34.99 19.40 5.17
C MET B 217 34.32 18.72 6.35
N CYS B 218 34.99 17.70 6.88
CA CYS B 218 34.52 16.98 8.07
C CYS B 218 35.12 17.63 9.31
N ARG B 219 34.27 18.16 10.17
CA ARG B 219 34.73 18.87 11.36
C ARG B 219 34.93 17.96 12.55
N GLN B 220 33.97 17.08 12.83
CA GLN B 220 34.03 16.22 14.02
C GLN B 220 33.57 14.82 13.65
N THR B 221 34.01 13.85 14.44
CA THR B 221 33.65 12.45 14.27
C THR B 221 33.24 11.87 15.61
N PHE B 222 32.12 11.16 15.64
CA PHE B 222 31.56 10.61 16.86
C PHE B 222 31.48 9.08 16.73
N THR B 223 32.03 8.38 17.71
CA THR B 223 32.08 6.92 17.72
C THR B 223 31.65 6.42 19.09
N GLY B 224 30.41 5.93 19.19
CA GLY B 224 29.94 5.34 20.42
C GLY B 224 29.19 4.03 20.25
N HIS B 225 28.81 3.72 19.01
CA HIS B 225 28.06 2.51 18.72
C HIS B 225 29.00 1.37 18.34
N GLU B 226 28.50 0.14 18.49
CA GLU B 226 29.23 -1.05 18.08
C GLU B 226 28.57 -1.78 16.93
N SER B 227 27.61 -1.15 16.25
CA SER B 227 26.95 -1.74 15.10
C SER B 227 26.52 -0.64 14.15
N ASP B 228 25.89 -1.04 13.04
CA ASP B 228 25.55 -0.10 11.98
C ASP B 228 24.56 0.94 12.48
N ILE B 229 24.72 2.17 12.01
CA ILE B 229 23.84 3.28 12.36
C ILE B 229 22.80 3.42 11.25
N ASN B 230 21.52 3.39 11.63
CA ASN B 230 20.43 3.41 10.66
C ASN B 230 19.70 4.74 10.59
N ALA B 231 19.72 5.55 11.65
CA ALA B 231 18.96 6.79 11.65
C ALA B 231 19.69 7.83 12.49
N ILE B 232 19.39 9.11 12.21
CA ILE B 232 20.05 10.23 12.86
C ILE B 232 19.11 11.42 12.78
N CYS B 233 19.18 12.30 13.79
CA CYS B 233 18.28 13.45 13.85
C CYS B 233 18.88 14.52 14.75
N PHE B 234 18.84 15.77 14.28
CA PHE B 234 19.31 16.89 15.09
C PHE B 234 18.34 17.24 16.21
N PHE B 235 18.90 17.66 17.35
CA PHE B 235 18.10 18.25 18.41
C PHE B 235 17.55 19.60 17.94
N PRO B 236 16.35 19.99 18.37
CA PRO B 236 15.78 21.27 17.91
C PRO B 236 16.64 22.47 18.24
N ASN B 237 17.44 22.41 19.31
CA ASN B 237 18.36 23.49 19.60
C ASN B 237 19.40 23.66 18.50
N GLY B 238 19.87 22.56 17.94
CA GLY B 238 20.92 22.58 16.95
C GLY B 238 22.31 22.27 17.47
N ASN B 239 22.43 21.92 18.76
CA ASN B 239 23.71 21.64 19.39
C ASN B 239 23.83 20.19 19.82
N ALA B 240 22.97 19.31 19.32
CA ALA B 240 22.99 17.91 19.69
C ALA B 240 22.28 17.11 18.62
N PHE B 241 22.51 15.80 18.63
CA PHE B 241 21.83 14.90 17.71
C PHE B 241 21.78 13.51 18.31
N ALA B 242 20.81 12.72 17.85
CA ALA B 242 20.58 11.37 18.35
C ALA B 242 20.75 10.36 17.22
N THR B 243 21.25 9.18 17.56
CA THR B 243 21.54 8.14 16.59
C THR B 243 20.91 6.82 17.03
N GLY B 244 20.39 6.06 16.06
CA GLY B 244 19.85 4.75 16.33
C GLY B 244 20.56 3.68 15.53
N SER B 245 21.03 2.63 16.21
CA SER B 245 21.87 1.61 15.60
C SER B 245 21.19 0.24 15.65
N ASP B 246 21.91 -0.77 15.18
CA ASP B 246 21.45 -2.15 15.22
C ASP B 246 21.82 -2.88 16.49
N ASP B 247 22.50 -2.22 17.43
CA ASP B 247 22.79 -2.80 18.73
C ASP B 247 21.67 -2.54 19.74
N ALA B 248 20.48 -2.18 19.26
CA ALA B 248 19.30 -1.99 20.09
C ALA B 248 19.46 -0.85 21.09
N THR B 249 20.24 0.17 20.73
CA THR B 249 20.46 1.32 21.60
C THR B 249 20.35 2.61 20.80
N CYS B 250 20.00 3.68 21.50
CA CYS B 250 20.05 5.04 20.98
C CYS B 250 20.98 5.87 21.85
N ARG B 251 21.64 6.85 21.24
CA ARG B 251 22.62 7.67 21.95
C ARG B 251 22.41 9.13 21.63
N LEU B 252 22.84 9.99 22.56
CA LEU B 252 22.76 11.44 22.41
C LEU B 252 24.16 12.01 22.44
N PHE B 253 24.53 12.75 21.41
CA PHE B 253 25.84 13.37 21.28
C PHE B 253 25.72 14.88 21.35
N ASP B 254 26.76 15.52 21.88
CA ASP B 254 26.81 16.97 21.98
C ASP B 254 27.92 17.50 21.08
N LEU B 255 27.60 18.54 20.31
CA LEU B 255 28.58 19.11 19.40
C LEU B 255 29.67 19.88 20.15
N ARG B 256 29.27 20.69 21.12
CA ARG B 256 30.26 21.53 21.81
C ARG B 256 31.12 20.71 22.75
N ALA B 257 30.54 19.74 23.46
CA ALA B 257 31.34 18.86 24.29
C ALA B 257 32.06 17.78 23.50
N ASP B 258 31.62 17.52 22.27
CA ASP B 258 32.28 16.59 21.35
C ASP B 258 32.43 15.20 21.97
N GLN B 259 31.33 14.67 22.48
CA GLN B 259 31.29 13.29 22.98
C GLN B 259 29.85 12.93 23.32
N GLU B 260 29.66 11.69 23.75
CA GLU B 260 28.34 11.15 24.09
C GLU B 260 27.85 11.74 25.40
N LEU B 261 26.53 11.85 25.53
CA LEU B 261 25.88 12.36 26.73
C LEU B 261 25.09 11.28 27.46
N MET B 262 24.22 10.55 26.75
CA MET B 262 23.34 9.60 27.39
C MET B 262 22.96 8.50 26.40
N THR B 263 22.61 7.33 26.94
CA THR B 263 22.19 6.17 26.16
C THR B 263 20.79 5.74 26.59
N TYR B 264 19.99 5.35 25.61
CA TYR B 264 18.60 4.90 25.84
C TYR B 264 18.51 3.43 25.43
N SER B 265 18.41 2.56 26.42
CA SER B 265 18.40 1.12 26.17
C SER B 265 17.61 0.41 27.27
N HIS B 266 17.22 -0.83 26.98
CA HIS B 266 16.45 -1.63 27.92
C HIS B 266 16.74 -3.10 27.65
N ASP B 267 16.76 -3.90 28.73
CA ASP B 267 17.05 -5.32 28.60
C ASP B 267 15.98 -6.03 27.78
N ASN B 268 14.72 -5.66 27.95
CA ASN B 268 13.63 -6.30 27.21
C ASN B 268 13.67 -5.98 25.72
N ILE B 269 14.50 -5.03 25.29
CA ILE B 269 14.58 -4.61 23.90
C ILE B 269 15.86 -5.17 23.31
N ILE B 270 15.74 -5.91 22.21
CA ILE B 270 16.89 -6.52 21.55
C ILE B 270 16.90 -6.27 20.06
N CYS B 271 15.89 -5.62 19.51
CA CYS B 271 15.80 -5.36 18.08
C CYS B 271 16.45 -4.03 17.71
N GLY B 272 16.78 -3.90 16.42
CA GLY B 272 17.41 -2.69 15.94
C GLY B 272 16.44 -1.55 15.74
N ILE B 273 16.99 -0.33 15.72
CA ILE B 273 16.21 0.88 15.54
C ILE B 273 16.25 1.27 14.07
N THR B 274 15.07 1.60 13.52
CA THR B 274 14.97 2.00 12.12
C THR B 274 14.83 3.50 11.92
N SER B 275 14.31 4.23 12.91
CA SER B 275 14.09 5.66 12.74
C SER B 275 14.02 6.32 14.10
N VAL B 276 14.45 7.59 14.16
CA VAL B 276 14.40 8.38 15.37
C VAL B 276 13.88 9.78 15.04
N SER B 277 13.35 10.46 16.04
CA SER B 277 12.84 11.82 15.87
C SER B 277 12.70 12.47 17.24
N PHE B 278 12.63 13.80 17.24
CA PHE B 278 12.51 14.59 18.44
C PHE B 278 11.20 15.36 18.45
N SER B 279 10.70 15.68 19.63
CA SER B 279 9.54 16.54 19.75
C SER B 279 9.97 18.00 19.60
N LYS B 280 8.98 18.90 19.54
CA LYS B 280 9.28 20.31 19.29
C LYS B 280 10.13 20.91 20.40
N SER B 281 9.81 20.61 21.66
CA SER B 281 10.61 21.10 22.77
C SER B 281 11.86 20.26 23.00
N GLY B 282 11.98 19.10 22.36
CA GLY B 282 13.12 18.23 22.56
C GLY B 282 13.08 17.36 23.78
N ARG B 283 11.99 17.39 24.55
CA ARG B 283 11.90 16.58 25.75
C ARG B 283 11.65 15.11 25.45
N LEU B 284 10.95 14.81 24.36
CA LEU B 284 10.60 13.44 24.00
C LEU B 284 11.43 12.99 22.82
N LEU B 285 11.93 11.75 22.88
CA LEU B 285 12.66 11.13 21.79
C LEU B 285 11.90 9.89 21.34
N LEU B 286 11.46 9.89 20.08
CA LEU B 286 10.66 8.81 19.52
C LEU B 286 11.53 7.95 18.61
N ALA B 287 11.51 6.64 18.83
CA ALA B 287 12.33 5.71 18.07
C ALA B 287 11.49 4.55 17.58
N GLY B 288 11.61 4.21 16.31
CA GLY B 288 10.98 3.02 15.76
C GLY B 288 11.87 1.80 15.90
N TYR B 289 11.24 0.64 16.01
CA TYR B 289 11.96 -0.59 16.29
C TYR B 289 11.54 -1.69 15.34
N ASP B 290 12.35 -2.76 15.31
CA ASP B 290 12.03 -3.94 14.51
C ASP B 290 10.97 -4.82 15.16
N ASP B 291 10.70 -4.63 16.45
CA ASP B 291 9.72 -5.44 17.17
C ASP B 291 8.28 -4.98 16.93
N PHE B 292 8.06 -4.20 15.89
CA PHE B 292 6.77 -3.69 15.40
C PHE B 292 6.29 -2.48 16.21
N ASN B 293 7.04 -2.03 17.20
CA ASN B 293 6.59 -0.99 18.11
C ASN B 293 7.42 0.28 17.95
N CYS B 294 6.86 1.39 18.43
CA CYS B 294 7.56 2.66 18.53
C CYS B 294 7.55 3.09 19.99
N ASN B 295 8.72 3.39 20.54
CA ASN B 295 8.86 3.77 21.94
C ASN B 295 9.05 5.28 22.06
N VAL B 296 8.50 5.84 23.13
CA VAL B 296 8.66 7.25 23.45
C VAL B 296 9.56 7.34 24.67
N TRP B 297 10.72 7.96 24.50
CA TRP B 297 11.71 8.08 25.56
C TRP B 297 11.68 9.48 26.15
N ASP B 298 12.13 9.58 27.40
CA ASP B 298 12.37 10.87 28.04
C ASP B 298 13.82 11.25 27.76
N ALA B 299 14.02 12.29 26.94
CA ALA B 299 15.35 12.63 26.46
C ALA B 299 16.29 13.07 27.58
N LEU B 300 15.75 13.48 28.73
CA LEU B 300 16.59 13.99 29.80
C LEU B 300 16.91 12.96 30.87
N LYS B 301 16.06 11.94 31.05
CA LYS B 301 16.25 10.97 32.12
C LYS B 301 16.46 9.54 31.64
N ALA B 302 16.35 9.28 30.34
CA ALA B 302 16.51 7.94 29.78
C ALA B 302 15.52 6.94 30.37
N ASP B 303 14.29 7.41 30.62
CA ASP B 303 13.21 6.57 31.11
C ASP B 303 12.12 6.51 30.06
N ARG B 304 11.68 5.30 29.72
CA ARG B 304 10.60 5.15 28.75
C ARG B 304 9.31 5.73 29.31
N ALA B 305 8.57 6.42 28.45
CA ALA B 305 7.36 7.11 28.85
C ALA B 305 6.10 6.65 28.13
N GLY B 306 6.21 5.81 27.11
CA GLY B 306 5.04 5.34 26.40
C GLY B 306 5.43 4.42 25.27
N VAL B 307 4.42 3.79 24.69
CA VAL B 307 4.58 2.86 23.58
C VAL B 307 3.48 3.11 22.56
N LEU B 308 3.86 3.17 21.28
CA LEU B 308 2.91 3.26 20.18
C LEU B 308 2.88 1.91 19.48
N ALA B 309 1.81 1.15 19.70
CA ALA B 309 1.69 -0.21 19.19
C ALA B 309 0.41 -0.30 18.36
N GLY B 310 0.55 -0.17 17.03
CA GLY B 310 -0.58 -0.31 16.14
C GLY B 310 -0.23 -0.97 14.83
N HIS B 311 1.01 -1.43 14.69
CA HIS B 311 1.49 -2.05 13.46
C HIS B 311 1.83 -3.51 13.73
N ASP B 312 1.55 -4.37 12.73
CA ASP B 312 1.86 -5.78 12.81
C ASP B 312 3.07 -6.15 11.96
N ASN B 313 3.92 -5.18 11.65
CA ASN B 313 5.18 -5.43 10.97
C ASN B 313 6.16 -4.33 11.35
N ARG B 314 7.35 -4.38 10.75
CA ARG B 314 8.43 -3.49 11.15
C ARG B 314 8.07 -2.03 10.88
N VAL B 315 8.37 -1.17 11.85
CA VAL B 315 8.20 0.27 11.70
C VAL B 315 9.44 0.81 10.99
N SER B 316 9.25 1.34 9.79
CA SER B 316 10.37 1.73 8.93
C SER B 316 10.70 3.21 8.98
N CYS B 317 9.74 4.07 9.31
CA CYS B 317 9.97 5.50 9.23
C CYS B 317 9.12 6.24 10.27
N LEU B 318 9.60 7.41 10.67
CA LEU B 318 8.95 8.25 11.67
C LEU B 318 8.90 9.69 11.16
N GLY B 319 8.07 10.50 11.82
CA GLY B 319 7.95 11.89 11.44
C GLY B 319 7.10 12.71 12.40
N VAL B 320 7.60 13.88 12.77
CA VAL B 320 6.89 14.82 13.65
C VAL B 320 6.72 16.13 12.90
N THR B 321 5.52 16.68 12.93
CA THR B 321 5.23 17.93 12.23
C THR B 321 6.08 19.07 12.79
N ASP B 322 6.18 20.14 12.00
CA ASP B 322 6.97 21.30 12.42
C ASP B 322 6.35 21.99 13.63
N ASP B 323 5.03 22.04 13.70
CA ASP B 323 4.37 22.62 14.87
C ASP B 323 4.26 21.65 16.04
N GLY B 324 4.63 20.39 15.85
CA GLY B 324 4.67 19.43 16.94
C GLY B 324 3.34 18.86 17.36
N MET B 325 2.29 19.04 16.56
CA MET B 325 0.96 18.56 16.95
C MET B 325 0.82 17.06 16.82
N ALA B 326 1.39 16.44 15.77
CA ALA B 326 1.11 15.06 15.45
C ALA B 326 2.39 14.32 15.08
N VAL B 327 2.34 12.99 15.24
CA VAL B 327 3.43 12.10 14.88
C VAL B 327 2.89 11.07 13.90
N ALA B 328 3.67 10.78 12.86
CA ALA B 328 3.29 9.80 11.84
C ALA B 328 4.30 8.66 11.80
N THR B 329 3.78 7.43 11.65
CA THR B 329 4.61 6.23 11.57
C THR B 329 4.24 5.45 10.31
N GLY B 330 5.26 5.07 9.54
CA GLY B 330 5.08 4.15 8.45
C GLY B 330 5.57 2.75 8.82
N SER B 331 5.20 1.78 8.00
CA SER B 331 5.49 0.39 8.35
C SER B 331 5.52 -0.48 7.11
N TRP B 332 6.07 -1.68 7.28
CA TRP B 332 6.11 -2.68 6.22
C TRP B 332 4.76 -3.32 5.95
N ASP B 333 3.75 -3.05 6.78
CA ASP B 333 2.41 -3.56 6.57
C ASP B 333 1.58 -2.68 5.64
N SER B 334 2.19 -1.66 5.03
CA SER B 334 1.58 -0.80 4.02
C SER B 334 0.54 0.16 4.59
N PHE B 335 0.72 0.59 5.83
CA PHE B 335 -0.20 1.56 6.45
C PHE B 335 0.57 2.68 7.12
N LEU B 336 0.05 3.89 7.02
CA LEU B 336 0.51 5.03 7.80
C LEU B 336 -0.53 5.35 8.87
N LYS B 337 -0.05 5.74 10.05
CA LYS B 337 -0.91 6.12 11.15
C LYS B 337 -0.46 7.47 11.72
N ILE B 338 -1.44 8.28 12.11
CA ILE B 338 -1.17 9.58 12.73
C ILE B 338 -1.55 9.47 14.20
N TRP B 339 -0.57 9.66 15.08
CA TRP B 339 -0.75 9.54 16.51
C TRP B 339 -0.75 10.91 17.17
N ASN B 340 -1.63 11.10 18.14
CA ASN B 340 -1.75 12.38 18.82
C ASN B 340 -2.21 12.20 20.26
N THR C 6 54.04 3.72 -1.60
CA THR C 6 53.63 5.08 -1.93
C THR C 6 52.14 5.13 -2.29
N ALA C 7 51.55 3.96 -2.52
CA ALA C 7 50.12 3.90 -2.85
C ALA C 7 49.26 4.21 -1.64
N SER C 8 49.59 3.62 -0.48
CA SER C 8 48.80 3.80 0.73
C SER C 8 49.28 4.97 1.60
N ILE C 9 50.30 5.70 1.16
CA ILE C 9 50.79 6.80 1.98
C ILE C 9 49.92 8.04 1.83
N ALA C 10 49.26 8.22 0.69
CA ALA C 10 48.40 9.39 0.50
C ALA C 10 47.19 9.34 1.42
N GLN C 11 46.52 8.19 1.48
CA GLN C 11 45.35 8.06 2.35
C GLN C 11 45.74 8.22 3.82
N ALA C 12 46.86 7.61 4.22
CA ALA C 12 47.31 7.74 5.60
C ALA C 12 47.68 9.19 5.93
N ARG C 13 48.33 9.89 5.01
CA ARG C 13 48.67 11.29 5.24
C ARG C 13 47.41 12.15 5.35
N LYS C 14 46.41 11.88 4.51
CA LYS C 14 45.16 12.61 4.62
C LYS C 14 44.46 12.33 5.94
N LEU C 15 44.50 11.07 6.40
CA LEU C 15 43.91 10.74 7.69
C LEU C 15 44.62 11.45 8.83
N VAL C 16 45.95 11.52 8.76
CA VAL C 16 46.71 12.23 9.79
C VAL C 16 46.38 13.72 9.77
N GLU C 17 46.21 14.29 8.58
CA GLU C 17 45.83 15.70 8.48
C GLU C 17 44.46 15.94 9.10
N GLN C 18 43.51 15.04 8.82
CA GLN C 18 42.17 15.18 9.39
C GLN C 18 42.20 15.05 10.91
N LEU C 19 42.99 14.11 11.43
CA LEU C 19 43.12 13.97 12.88
C LEU C 19 43.75 15.20 13.50
N LYS C 20 44.76 15.78 12.84
CA LYS C 20 45.36 17.01 13.33
C LYS C 20 44.35 18.14 13.37
N MET C 21 43.52 18.26 12.34
CA MET C 21 42.50 19.30 12.31
C MET C 21 41.46 19.09 13.42
N GLU C 22 41.03 17.84 13.63
CA GLU C 22 40.03 17.56 14.65
C GLU C 22 40.59 17.66 16.07
N ALA C 23 41.91 17.58 16.23
CA ALA C 23 42.50 17.71 17.55
C ALA C 23 42.57 19.15 18.04
N ASN C 24 42.27 20.12 17.18
CA ASN C 24 42.37 21.54 17.53
C ASN C 24 41.01 22.17 17.86
N ILE C 25 39.95 21.38 17.93
CA ILE C 25 38.63 21.93 18.23
C ILE C 25 38.55 22.29 19.71
N ASP C 26 37.83 23.37 20.00
CA ASP C 26 37.58 23.76 21.39
C ASP C 26 36.43 22.95 21.97
N ARG C 27 36.52 22.65 23.26
CA ARG C 27 35.53 21.83 23.94
C ARG C 27 35.04 22.56 25.19
N ILE C 28 33.73 22.48 25.44
CA ILE C 28 33.15 23.01 26.65
C ILE C 28 32.86 21.86 27.61
N LYS C 29 32.68 22.18 28.88
CA LYS C 29 32.42 21.17 29.89
C LYS C 29 31.06 20.52 29.66
N VAL C 30 30.93 19.28 30.14
CA VAL C 30 29.68 18.54 29.97
C VAL C 30 28.55 19.21 30.75
N SER C 31 28.86 19.77 31.92
CA SER C 31 27.83 20.40 32.73
C SER C 31 27.18 21.57 32.00
N LYS C 32 27.98 22.37 31.29
CA LYS C 32 27.43 23.50 30.55
C LYS C 32 26.49 23.05 29.43
N ALA C 33 26.91 22.03 28.67
CA ALA C 33 26.06 21.53 27.60
C ALA C 33 24.76 20.93 28.15
N ALA C 34 24.88 20.16 29.22
CA ALA C 34 23.69 19.57 29.84
C ALA C 34 22.75 20.64 30.37
N ALA C 35 23.30 21.67 31.00
CA ALA C 35 22.48 22.76 31.52
C ALA C 35 21.82 23.53 30.39
N ASP C 36 22.51 23.74 29.28
CA ASP C 36 21.89 24.41 28.13
C ASP C 36 20.75 23.58 27.57
N LEU C 37 20.93 22.27 27.45
CA LEU C 37 19.85 21.41 26.97
C LEU C 37 18.66 21.44 27.92
N MET C 38 18.91 21.38 29.22
CA MET C 38 17.81 21.42 30.19
C MET C 38 17.11 22.77 30.15
N ALA C 39 17.87 23.87 30.02
CA ALA C 39 17.28 25.19 29.93
C ALA C 39 16.38 25.29 28.72
N TYR C 40 16.82 24.76 27.58
CA TYR C 40 15.96 24.75 26.40
C TYR C 40 14.73 23.88 26.62
N CYS C 41 14.89 22.78 27.38
CA CYS C 41 13.77 21.86 27.57
C CYS C 41 12.65 22.49 28.40
N GLU C 42 12.96 23.07 29.56
CA GLU C 42 11.88 23.76 30.28
C GLU C 42 11.57 25.15 29.73
N ALA C 43 12.41 25.71 28.87
CA ALA C 43 12.11 27.02 28.32
C ALA C 43 11.14 26.98 27.14
N HIS C 44 10.78 25.79 26.66
CA HIS C 44 9.83 25.64 25.56
C HIS C 44 8.74 24.62 25.86
N ALA C 45 8.54 24.30 27.15
CA ALA C 45 7.64 23.22 27.52
C ALA C 45 6.19 23.56 27.18
N LYS C 46 5.81 24.82 27.28
CA LYS C 46 4.42 25.21 27.06
C LYS C 46 4.03 25.14 25.59
N GLU C 47 4.99 25.17 24.67
CA GLU C 47 4.70 25.17 23.25
C GLU C 47 4.71 23.78 22.62
N ASP C 48 4.98 22.73 23.39
CA ASP C 48 5.06 21.38 22.86
C ASP C 48 3.76 20.64 23.15
N PRO C 49 2.97 20.29 22.15
CA PRO C 49 1.67 19.66 22.41
C PRO C 49 1.72 18.17 22.70
N LEU C 50 2.86 17.50 22.47
CA LEU C 50 2.89 16.05 22.64
C LEU C 50 2.85 15.65 24.12
N LEU C 51 3.66 16.30 24.95
CA LEU C 51 3.64 15.98 26.37
C LEU C 51 2.59 16.75 27.15
N THR C 52 2.13 17.89 26.62
CA THR C 52 1.05 18.67 27.22
C THR C 52 -0.12 18.67 26.26
N PRO C 53 -1.06 17.73 26.40
CA PRO C 53 -2.18 17.66 25.46
C PRO C 53 -3.03 18.93 25.49
N VAL C 54 -3.55 19.30 24.32
CA VAL C 54 -4.40 20.47 24.18
C VAL C 54 -5.85 20.00 24.11
N PRO C 55 -6.82 20.82 24.50
CA PRO C 55 -8.22 20.42 24.39
C PRO C 55 -8.63 20.25 22.94
N ALA C 56 -9.67 19.45 22.74
CA ALA C 56 -10.15 19.11 21.40
C ALA C 56 -10.65 20.32 20.63
N SER C 57 -10.74 21.49 21.25
CA SER C 57 -11.19 22.68 20.54
C SER C 57 -10.21 23.06 19.43
N GLU C 58 -8.91 22.99 19.71
CA GLU C 58 -7.88 23.40 18.76
C GLU C 58 -7.05 22.23 18.22
N ASN C 59 -7.53 21.00 18.38
CA ASN C 59 -6.81 19.84 17.87
C ASN C 59 -7.36 19.49 16.49
N PRO C 60 -6.59 19.64 15.42
CA PRO C 60 -7.12 19.34 14.07
C PRO C 60 -7.41 17.86 13.85
N PHE C 61 -6.88 16.97 14.67
CA PHE C 61 -7.07 15.53 14.50
C PHE C 61 -8.09 14.96 15.48
N ARG C 62 -8.98 15.79 16.00
CA ARG C 62 -10.00 15.34 16.95
C ARG C 62 -10.98 14.35 16.31
N MET D 1 1.19 27.18 -23.39
CA MET D 1 0.88 26.07 -24.27
C MET D 1 -0.57 25.63 -24.10
N VAL D 2 -1.18 26.05 -22.99
CA VAL D 2 -2.58 25.73 -22.74
C VAL D 2 -3.46 26.49 -23.73
N GLN D 3 -4.43 25.81 -24.32
CA GLN D 3 -5.29 26.44 -25.31
C GLN D 3 -6.66 25.79 -25.29
N LEU D 4 -7.69 26.61 -25.52
CA LEU D 4 -9.07 26.15 -25.58
C LEU D 4 -9.77 26.88 -26.70
N VAL D 5 -10.30 26.15 -27.68
CA VAL D 5 -10.95 26.73 -28.84
C VAL D 5 -12.34 26.14 -28.98
N GLU D 6 -13.35 26.99 -29.11
CA GLU D 6 -14.73 26.57 -29.24
C GLU D 6 -15.21 26.72 -30.69
N SER D 7 -16.22 25.93 -31.03
CA SER D 7 -16.82 25.98 -32.36
C SER D 7 -18.33 25.92 -32.22
N GLY D 8 -19.02 26.48 -33.21
CA GLY D 8 -20.46 26.56 -33.23
C GLY D 8 -20.94 27.99 -33.02
N GLY D 9 -22.21 28.20 -33.38
CA GLY D 9 -22.83 29.51 -33.27
C GLY D 9 -23.59 29.87 -34.54
N GLY D 10 -23.66 31.17 -34.80
CA GLY D 10 -24.38 31.68 -35.95
C GLY D 10 -25.85 31.91 -35.66
N LEU D 11 -26.53 32.45 -36.66
CA LEU D 11 -27.96 32.75 -36.52
C LEU D 11 -28.75 31.47 -36.35
N VAL D 12 -29.71 31.50 -35.42
CA VAL D 12 -30.52 30.33 -35.09
C VAL D 12 -31.99 30.74 -35.09
N GLN D 13 -32.82 29.91 -35.71
CA GLN D 13 -34.26 30.09 -35.58
C GLN D 13 -34.71 29.68 -34.18
N PRO D 14 -35.68 30.38 -33.59
CA PRO D 14 -36.17 29.97 -32.26
C PRO D 14 -36.74 28.56 -32.28
N GLY D 15 -36.47 27.82 -31.21
CA GLY D 15 -36.91 26.44 -31.10
C GLY D 15 -36.00 25.42 -31.74
N GLY D 16 -34.90 25.84 -32.34
CA GLY D 16 -33.97 24.92 -32.97
C GLY D 16 -33.01 24.29 -31.96
N SER D 17 -32.04 23.56 -32.50
CA SER D 17 -31.08 22.84 -31.68
C SER D 17 -29.70 22.89 -32.32
N ARG D 18 -28.67 23.09 -31.49
CA ARG D 18 -27.29 23.00 -31.92
C ARG D 18 -26.45 22.35 -30.83
N LYS D 19 -25.21 22.05 -31.18
CA LYS D 19 -24.24 21.45 -30.26
C LYS D 19 -22.96 22.25 -30.32
N LEU D 20 -22.55 22.79 -29.17
CA LEU D 20 -21.30 23.52 -29.05
C LEU D 20 -20.18 22.56 -28.62
N SER D 21 -19.01 22.74 -29.22
CA SER D 21 -17.87 21.90 -28.91
C SER D 21 -16.65 22.77 -28.64
N CYS D 22 -15.80 22.30 -27.73
CA CYS D 22 -14.54 22.97 -27.39
C CYS D 22 -13.42 21.94 -27.44
N SER D 23 -12.28 22.37 -27.99
CA SER D 23 -11.12 21.50 -28.17
C SER D 23 -9.98 21.97 -27.26
N ALA D 24 -9.40 21.05 -26.53
CA ALA D 24 -8.35 21.35 -25.55
C ALA D 24 -7.02 20.79 -26.03
N SER D 25 -5.95 21.54 -25.76
CA SER D 25 -4.61 21.12 -26.14
C SER D 25 -3.59 21.77 -25.20
N GLY D 26 -2.59 20.99 -24.80
CA GLY D 26 -1.51 21.49 -23.98
C GLY D 26 -1.57 21.14 -22.52
N PHE D 27 -2.54 20.33 -22.08
CA PHE D 27 -2.64 19.94 -20.69
C PHE D 27 -3.41 18.63 -20.59
N ALA D 28 -3.35 18.02 -19.41
CA ALA D 28 -4.03 16.75 -19.15
C ALA D 28 -5.53 16.99 -19.03
N PHE D 29 -6.25 16.82 -20.16
CA PHE D 29 -7.65 17.20 -20.22
C PHE D 29 -8.51 16.38 -19.26
N SER D 30 -8.22 15.08 -19.13
CA SER D 30 -9.08 14.20 -18.34
C SER D 30 -9.03 14.51 -16.84
N SER D 31 -8.02 15.24 -16.39
CA SER D 31 -7.86 15.52 -14.96
C SER D 31 -8.57 16.79 -14.51
N PHE D 32 -9.15 17.55 -15.43
CA PHE D 32 -9.78 18.83 -15.12
C PHE D 32 -11.29 18.73 -15.23
N GLY D 33 -11.99 19.36 -14.28
CA GLY D 33 -13.41 19.61 -14.47
C GLY D 33 -13.65 20.72 -15.49
N MET D 34 -14.85 20.71 -16.06
CA MET D 34 -15.19 21.64 -17.14
C MET D 34 -16.46 22.40 -16.80
N HIS D 35 -16.44 23.71 -16.99
CA HIS D 35 -17.61 24.56 -16.82
C HIS D 35 -17.93 25.26 -18.13
N TRP D 36 -19.22 25.53 -18.35
CA TRP D 36 -19.67 26.43 -19.39
C TRP D 36 -20.20 27.70 -18.73
N VAL D 37 -19.74 28.85 -19.20
CA VAL D 37 -20.13 30.13 -18.63
C VAL D 37 -20.64 31.03 -19.76
N ARG D 38 -21.78 31.68 -19.52
CA ARG D 38 -22.47 32.47 -20.52
C ARG D 38 -22.39 33.95 -20.18
N GLN D 39 -22.27 34.79 -21.20
CA GLN D 39 -22.29 36.24 -21.04
C GLN D 39 -23.12 36.84 -22.17
N ALA D 40 -24.27 37.41 -21.82
CA ALA D 40 -25.10 38.08 -22.79
C ALA D 40 -24.48 39.42 -23.20
N PRO D 41 -24.88 39.97 -24.34
CA PRO D 41 -24.35 41.29 -24.74
C PRO D 41 -24.66 42.35 -23.69
N GLU D 42 -23.68 43.24 -23.48
CA GLU D 42 -23.71 44.29 -22.46
C GLU D 42 -24.29 43.80 -21.14
N LYS D 43 -23.86 42.61 -20.71
CA LYS D 43 -24.37 41.98 -19.50
C LYS D 43 -23.26 41.17 -18.86
N GLY D 44 -23.43 40.88 -17.57
CA GLY D 44 -22.43 40.16 -16.81
C GLY D 44 -22.44 38.66 -17.07
N LEU D 45 -21.54 37.97 -16.38
CA LEU D 45 -21.35 36.54 -16.56
C LEU D 45 -22.44 35.75 -15.85
N GLU D 46 -22.71 34.55 -16.37
CA GLU D 46 -23.74 33.69 -15.80
C GLU D 46 -23.35 32.24 -16.02
N TRP D 47 -23.18 31.49 -14.94
CA TRP D 47 -22.80 30.09 -15.00
C TRP D 47 -23.91 29.26 -15.63
N VAL D 48 -23.52 28.21 -16.35
CA VAL D 48 -24.46 27.39 -17.12
C VAL D 48 -24.46 25.95 -16.65
N ALA D 49 -23.32 25.28 -16.76
CA ALA D 49 -23.24 23.85 -16.50
C ALA D 49 -21.84 23.49 -16.03
N TYR D 50 -21.71 22.27 -15.49
CA TYR D 50 -20.44 21.77 -15.00
C TYR D 50 -20.42 20.26 -15.12
N ILE D 51 -19.33 19.71 -15.64
CA ILE D 51 -19.10 18.28 -15.69
C ILE D 51 -17.77 17.98 -15.00
N SER D 52 -17.77 16.99 -14.12
CA SER D 52 -16.61 16.68 -13.30
C SER D 52 -15.58 15.89 -14.10
N SER D 53 -14.40 15.72 -13.50
CA SER D 53 -13.41 14.83 -14.07
C SER D 53 -13.86 13.38 -13.85
N GLY D 54 -13.89 12.61 -14.94
CA GLY D 54 -14.47 11.29 -14.90
C GLY D 54 -15.96 11.24 -15.10
N SER D 55 -16.61 12.39 -15.31
CA SER D 55 -18.03 12.50 -15.62
C SER D 55 -18.93 11.98 -14.49
N GLY D 56 -18.40 11.85 -13.29
CA GLY D 56 -19.20 11.35 -12.18
C GLY D 56 -20.29 12.31 -11.76
N THR D 57 -20.00 13.61 -11.75
CA THR D 57 -20.92 14.62 -11.27
C THR D 57 -21.24 15.62 -12.37
N ILE D 58 -22.53 15.95 -12.52
CA ILE D 58 -22.99 16.91 -13.50
C ILE D 58 -24.03 17.81 -12.85
N TYR D 59 -23.85 19.13 -12.99
CA TYR D 59 -24.81 20.11 -12.50
C TYR D 59 -25.26 21.00 -13.65
N TYR D 60 -26.40 21.67 -13.44
CA TYR D 60 -26.95 22.61 -14.41
C TYR D 60 -27.53 23.81 -13.68
N ALA D 61 -27.63 24.92 -14.41
CA ALA D 61 -28.39 26.05 -13.93
C ALA D 61 -29.88 25.80 -14.15
N ASP D 62 -30.70 26.35 -13.24
CA ASP D 62 -32.14 26.12 -13.33
C ASP D 62 -32.74 26.71 -14.61
N THR D 63 -32.07 27.68 -15.23
CA THR D 63 -32.59 28.27 -16.46
C THR D 63 -32.52 27.30 -17.63
N VAL D 64 -31.48 26.46 -17.68
CA VAL D 64 -31.23 25.60 -18.83
C VAL D 64 -31.50 24.14 -18.52
N LYS D 65 -31.87 23.79 -17.30
CA LYS D 65 -32.05 22.40 -16.93
C LYS D 65 -33.18 21.76 -17.74
N GLY D 66 -32.91 20.58 -18.28
CA GLY D 66 -33.88 19.88 -19.12
C GLY D 66 -33.67 20.14 -20.60
N ARG D 67 -33.25 21.35 -20.94
CA ARG D 67 -33.02 21.71 -22.34
C ARG D 67 -31.59 21.50 -22.79
N PHE D 68 -30.61 21.69 -21.90
CA PHE D 68 -29.21 21.58 -22.24
C PHE D 68 -28.61 20.32 -21.63
N THR D 69 -27.62 19.75 -22.31
CA THR D 69 -26.86 18.63 -21.79
C THR D 69 -25.39 18.82 -22.10
N ILE D 70 -24.54 18.25 -21.24
CA ILE D 70 -23.10 18.45 -21.30
C ILE D 70 -22.42 17.09 -21.26
N SER D 71 -21.36 16.93 -22.04
CA SER D 71 -20.66 15.64 -22.15
C SER D 71 -19.20 15.89 -22.48
N ARG D 72 -18.38 14.85 -22.25
CA ARG D 72 -16.96 14.87 -22.55
C ARG D 72 -16.60 13.77 -23.53
N ASP D 73 -15.51 13.98 -24.27
CA ASP D 73 -14.89 12.95 -25.11
C ASP D 73 -13.41 12.97 -24.75
N ASP D 74 -13.04 12.20 -23.73
CA ASP D 74 -11.68 12.26 -23.19
C ASP D 74 -10.61 11.83 -24.19
N PRO D 75 -10.75 10.71 -24.92
CA PRO D 75 -9.69 10.37 -25.89
C PRO D 75 -9.46 11.43 -26.95
N LYS D 76 -10.51 12.12 -27.39
CA LYS D 76 -10.39 13.16 -28.40
C LYS D 76 -10.12 14.53 -27.80
N ASN D 77 -10.12 14.65 -26.47
CA ASN D 77 -9.90 15.91 -25.77
C ASN D 77 -10.89 16.97 -26.23
N THR D 78 -12.17 16.68 -26.04
CA THR D 78 -13.24 17.54 -26.51
C THR D 78 -14.32 17.64 -25.43
N LEU D 79 -14.98 18.79 -25.38
CA LEU D 79 -16.10 19.04 -24.49
C LEU D 79 -17.30 19.48 -25.31
N PHE D 80 -18.48 19.00 -24.94
CA PHE D 80 -19.68 19.22 -25.73
C PHE D 80 -20.76 19.90 -24.90
N LEU D 81 -21.69 20.56 -25.60
CA LEU D 81 -22.87 21.14 -24.98
C LEU D 81 -23.98 21.13 -26.03
N GLN D 82 -24.88 20.16 -25.93
CA GLN D 82 -26.01 20.06 -26.84
C GLN D 82 -27.17 20.85 -26.29
N MET D 83 -27.72 21.75 -27.10
CA MET D 83 -28.76 22.67 -26.69
C MET D 83 -30.02 22.40 -27.50
N THR D 84 -31.17 22.37 -26.82
CA THR D 84 -32.45 22.11 -27.45
C THR D 84 -33.47 23.14 -26.99
N SER D 85 -34.46 23.41 -27.84
CA SER D 85 -35.51 24.38 -27.56
C SER D 85 -34.92 25.75 -27.22
N LEU D 86 -34.02 26.22 -28.08
CA LEU D 86 -33.37 27.50 -27.86
C LEU D 86 -34.39 28.63 -27.97
N ARG D 87 -34.29 29.59 -27.06
CA ARG D 87 -35.19 30.73 -27.00
C ARG D 87 -34.40 32.03 -27.08
N SER D 88 -35.10 33.15 -26.91
CA SER D 88 -34.51 34.46 -27.18
C SER D 88 -33.36 34.81 -26.24
N GLU D 89 -33.47 34.50 -24.95
CA GLU D 89 -32.44 34.94 -24.01
C GLU D 89 -31.28 33.97 -23.90
N ASP D 90 -31.22 32.94 -24.75
CA ASP D 90 -30.03 32.12 -24.87
C ASP D 90 -28.97 32.74 -25.77
N THR D 91 -29.28 33.88 -26.40
CA THR D 91 -28.33 34.58 -27.26
C THR D 91 -27.24 35.20 -26.41
N ALA D 92 -26.01 34.71 -26.56
CA ALA D 92 -24.89 35.18 -25.75
C ALA D 92 -23.59 34.61 -26.31
N MET D 93 -22.49 34.90 -25.61
CA MET D 93 -21.20 34.30 -25.88
C MET D 93 -20.93 33.23 -24.82
N TYR D 94 -20.50 32.06 -25.25
CA TYR D 94 -20.33 30.90 -24.37
C TYR D 94 -18.84 30.62 -24.20
N TYR D 95 -18.38 30.62 -22.95
CA TYR D 95 -17.00 30.34 -22.62
C TYR D 95 -16.87 28.93 -22.04
N CYS D 96 -15.72 28.32 -22.26
CA CYS D 96 -15.36 27.05 -21.64
C CYS D 96 -14.23 27.29 -20.64
N VAL D 97 -14.40 26.78 -19.43
CA VAL D 97 -13.51 27.09 -18.31
C VAL D 97 -13.02 25.77 -17.71
N ARG D 98 -11.72 25.68 -17.47
CA ARG D 98 -11.15 24.53 -16.79
C ARG D 98 -11.02 24.81 -15.30
N SER D 99 -11.09 23.74 -14.51
CA SER D 99 -10.94 23.86 -13.06
C SER D 99 -10.53 22.52 -12.49
N ILE D 100 -9.61 22.54 -11.53
CA ILE D 100 -9.13 21.34 -10.86
C ILE D 100 -9.26 21.56 -9.36
N TYR D 101 -9.64 20.50 -8.64
CA TYR D 101 -10.01 20.60 -7.24
C TYR D 101 -9.18 19.64 -6.40
N TYR D 102 -8.25 20.19 -5.63
CA TYR D 102 -7.58 19.49 -4.55
C TYR D 102 -7.07 20.54 -3.58
N TYR D 103 -6.48 20.08 -2.48
CA TYR D 103 -6.03 21.01 -1.46
C TYR D 103 -4.98 21.96 -2.00
N GLY D 104 -5.35 23.24 -2.16
CA GLY D 104 -4.44 24.25 -2.63
C GLY D 104 -4.47 24.53 -4.12
N SER D 105 -5.44 24.00 -4.85
CA SER D 105 -5.51 24.22 -6.30
C SER D 105 -6.09 25.60 -6.60
N SER D 106 -6.19 25.92 -7.89
CA SER D 106 -6.70 27.20 -8.37
C SER D 106 -7.75 26.97 -9.43
N PRO D 107 -9.01 26.81 -9.05
CA PRO D 107 -10.07 26.62 -10.04
C PRO D 107 -10.32 27.87 -10.88
N PHE D 108 -10.91 27.66 -12.05
CA PHE D 108 -11.31 28.74 -12.97
C PHE D 108 -10.10 29.56 -13.43
N ASP D 109 -8.95 28.89 -13.58
CA ASP D 109 -7.72 29.62 -13.86
C ASP D 109 -7.44 29.80 -15.35
N PHE D 110 -8.20 29.17 -16.24
CA PHE D 110 -8.02 29.36 -17.68
C PHE D 110 -9.38 29.39 -18.37
N TRP D 111 -9.60 30.41 -19.19
CA TRP D 111 -10.83 30.58 -19.95
C TRP D 111 -10.52 30.53 -21.43
N GLY D 112 -11.42 29.92 -22.20
CA GLY D 112 -11.26 29.88 -23.64
C GLY D 112 -11.76 31.14 -24.31
N GLN D 113 -11.51 31.20 -25.63
CA GLN D 113 -12.00 32.29 -26.47
C GLN D 113 -13.34 31.88 -27.05
N GLY D 114 -14.42 32.18 -26.33
CA GLY D 114 -15.71 31.62 -26.65
C GLY D 114 -16.29 32.08 -27.97
N THR D 115 -17.37 31.41 -28.37
CA THR D 115 -18.07 31.68 -29.61
C THR D 115 -19.42 32.33 -29.34
N THR D 116 -19.96 32.99 -30.36
CA THR D 116 -21.19 33.76 -30.23
C THR D 116 -22.36 32.98 -30.81
N LEU D 117 -23.41 32.84 -30.00
CA LEU D 117 -24.66 32.21 -30.42
C LEU D 117 -25.74 33.29 -30.50
N THR D 118 -26.38 33.41 -31.66
CA THR D 118 -27.44 34.38 -31.87
C THR D 118 -28.72 33.63 -32.18
N VAL D 119 -29.77 33.91 -31.42
CA VAL D 119 -31.08 33.29 -31.60
C VAL D 119 -32.07 34.38 -31.99
N SER D 120 -32.81 34.16 -33.06
CA SER D 120 -33.72 35.17 -33.58
C SER D 120 -34.89 35.38 -32.62
N SER D 121 -35.66 36.43 -32.90
CA SER D 121 -36.82 36.77 -32.07
C SER D 121 -38.12 36.30 -32.74
N SER D 136 -32.35 29.08 -0.94
CA SER D 136 -32.36 29.86 -2.16
C SER D 136 -30.94 30.14 -2.65
N ASP D 137 -30.83 30.69 -3.86
CA ASP D 137 -29.52 30.99 -4.43
C ASP D 137 -28.89 32.19 -3.73
N ILE D 138 -27.56 32.15 -3.61
CA ILE D 138 -26.82 33.26 -3.02
C ILE D 138 -26.78 34.41 -4.02
N VAL D 139 -27.07 35.62 -3.55
CA VAL D 139 -27.11 36.82 -4.38
C VAL D 139 -25.85 37.63 -4.08
N MET D 140 -24.99 37.76 -5.08
CA MET D 140 -23.75 38.52 -4.95
C MET D 140 -23.96 39.88 -5.62
N THR D 141 -23.77 40.96 -4.85
CA THR D 141 -24.11 42.30 -5.31
C THR D 141 -22.90 43.22 -5.20
N GLN D 142 -22.70 44.04 -6.24
CA GLN D 142 -21.70 45.09 -6.24
C GLN D 142 -22.42 46.42 -6.43
N ALA D 143 -22.45 47.24 -5.39
CA ALA D 143 -23.23 48.48 -5.43
C ALA D 143 -22.70 49.42 -6.51
N THR D 144 -21.38 49.59 -6.58
CA THR D 144 -20.80 50.48 -7.57
C THR D 144 -20.73 49.82 -8.94
N SER D 145 -20.98 50.60 -9.99
CA SER D 145 -20.93 50.12 -11.35
C SER D 145 -19.85 50.77 -12.19
N SER D 146 -19.25 51.88 -11.74
CA SER D 146 -18.20 52.54 -12.48
C SER D 146 -17.36 53.37 -11.50
N VAL D 147 -16.05 53.37 -11.71
CA VAL D 147 -15.13 54.14 -10.88
C VAL D 147 -14.12 54.86 -11.78
N PRO D 148 -14.07 56.19 -11.76
CA PRO D 148 -13.05 56.90 -12.55
C PRO D 148 -11.69 56.82 -11.88
N VAL D 149 -10.69 56.41 -12.65
CA VAL D 149 -9.36 56.17 -12.11
C VAL D 149 -8.32 56.84 -12.99
N THR D 150 -7.15 57.08 -12.40
CA THR D 150 -5.99 57.61 -13.09
C THR D 150 -4.78 56.80 -12.68
N PRO D 151 -3.79 56.66 -13.57
CA PRO D 151 -2.61 55.85 -13.24
C PRO D 151 -1.88 56.39 -12.02
N GLY D 152 -1.34 55.47 -11.22
CA GLY D 152 -0.65 55.81 -10.00
C GLY D 152 -1.54 56.00 -8.79
N GLU D 153 -2.82 55.70 -8.90
CA GLU D 153 -3.78 55.89 -7.82
C GLU D 153 -4.22 54.53 -7.27
N SER D 154 -4.52 54.49 -5.98
CA SER D 154 -5.06 53.29 -5.36
C SER D 154 -6.58 53.33 -5.40
N VAL D 155 -7.19 52.18 -5.71
CA VAL D 155 -8.64 52.06 -5.83
C VAL D 155 -9.09 50.80 -5.12
N SER D 156 -10.33 50.82 -4.63
CA SER D 156 -10.92 49.68 -3.95
C SER D 156 -12.26 49.32 -4.58
N ILE D 157 -12.48 48.03 -4.79
CA ILE D 157 -13.74 47.51 -5.32
C ILE D 157 -14.39 46.64 -4.25
N SER D 158 -15.69 46.79 -4.08
CA SER D 158 -16.41 46.11 -3.02
C SER D 158 -17.47 45.19 -3.60
N CYS D 159 -17.60 44.01 -2.98
CA CYS D 159 -18.61 43.04 -3.31
C CYS D 159 -19.24 42.55 -2.01
N ARG D 160 -20.54 42.30 -2.03
CA ARG D 160 -21.28 41.91 -0.83
C ARG D 160 -22.08 40.65 -1.11
N SER D 161 -22.18 39.79 -0.10
CA SER D 161 -22.87 38.51 -0.22
C SER D 161 -24.08 38.47 0.71
N SER D 162 -25.19 37.94 0.21
CA SER D 162 -26.39 37.79 1.02
C SER D 162 -26.16 36.82 2.16
N LYS D 163 -25.49 35.70 1.88
CA LYS D 163 -25.14 34.71 2.88
C LYS D 163 -23.64 34.71 3.11
N SER D 164 -23.24 34.41 4.35
CA SER D 164 -21.83 34.34 4.69
C SER D 164 -21.14 33.24 3.89
N LEU D 165 -20.00 33.57 3.30
CA LEU D 165 -19.23 32.62 2.50
C LEU D 165 -18.12 31.94 3.30
N LEU D 166 -18.01 32.23 4.59
CA LEU D 166 -17.00 31.60 5.44
C LEU D 166 -17.50 30.23 5.89
N HIS D 167 -16.86 29.18 5.40
CA HIS D 167 -17.20 27.81 5.75
C HIS D 167 -16.51 27.44 7.06
N SER D 168 -16.97 26.33 7.65
CA SER D 168 -16.44 25.87 8.92
C SER D 168 -15.02 25.31 8.82
N ASN D 169 -14.52 25.06 7.60
CA ASN D 169 -13.17 24.54 7.46
C ASN D 169 -12.10 25.62 7.55
N GLY D 170 -12.48 26.89 7.53
CA GLY D 170 -11.54 27.97 7.75
C GLY D 170 -11.24 28.85 6.55
N ASN D 171 -11.82 28.57 5.39
CA ASN D 171 -11.56 29.37 4.20
C ASN D 171 -12.85 29.94 3.63
N THR D 172 -12.71 31.05 2.93
CA THR D 172 -13.83 31.78 2.34
C THR D 172 -13.79 31.63 0.82
N TYR D 173 -14.94 31.32 0.23
CA TYR D 173 -15.02 30.95 -1.19
C TYR D 173 -15.43 32.17 -2.00
N LEU D 174 -14.46 33.05 -2.25
CA LEU D 174 -14.66 34.26 -3.04
C LEU D 174 -13.62 34.31 -4.15
N TYR D 175 -14.06 34.62 -5.37
CA TYR D 175 -13.19 34.67 -6.53
C TYR D 175 -13.35 36.01 -7.24
N TRP D 176 -12.23 36.59 -7.67
CA TRP D 176 -12.22 37.86 -8.39
C TRP D 176 -11.71 37.62 -9.81
N PHE D 177 -12.43 38.13 -10.79
CA PHE D 177 -12.07 37.99 -12.20
C PHE D 177 -11.98 39.36 -12.86
N LEU D 178 -11.13 39.44 -13.88
CA LEU D 178 -10.96 40.65 -14.66
C LEU D 178 -11.20 40.35 -16.14
N GLN D 179 -11.93 41.22 -16.81
CA GLN D 179 -12.20 41.09 -18.25
C GLN D 179 -11.77 42.38 -18.94
N ARG D 180 -10.62 42.32 -19.61
CA ARG D 180 -10.18 43.45 -20.42
C ARG D 180 -11.05 43.58 -21.66
N PRO D 181 -11.17 44.78 -22.23
CA PRO D 181 -12.01 44.95 -23.42
C PRO D 181 -11.57 44.07 -24.56
N GLY D 182 -12.50 43.29 -25.10
CA GLY D 182 -12.25 42.42 -26.22
C GLY D 182 -11.59 41.10 -25.90
N GLN D 183 -11.34 40.81 -24.62
CA GLN D 183 -10.66 39.59 -24.21
C GLN D 183 -11.59 38.76 -23.34
N SER D 184 -11.07 37.60 -22.90
CA SER D 184 -11.69 36.60 -22.05
C SER D 184 -11.40 36.91 -20.58
N PRO D 185 -12.29 36.52 -19.68
CA PRO D 185 -12.05 36.77 -18.24
C PRO D 185 -10.80 36.06 -17.75
N GLN D 186 -10.14 36.68 -16.79
CA GLN D 186 -8.89 36.18 -16.21
C GLN D 186 -9.00 36.17 -14.69
N LEU D 187 -8.54 35.09 -14.08
CA LEU D 187 -8.58 34.99 -12.63
C LEU D 187 -7.51 35.88 -12.00
N LEU D 188 -7.90 36.58 -10.93
CA LEU D 188 -6.98 37.41 -10.16
C LEU D 188 -6.79 36.89 -8.74
N ILE D 189 -7.88 36.72 -7.99
CA ILE D 189 -7.83 36.30 -6.60
C ILE D 189 -8.75 35.10 -6.43
N TYR D 190 -8.27 34.07 -5.75
CA TYR D 190 -9.09 32.91 -5.43
C TYR D 190 -9.07 32.68 -3.93
N ARG D 191 -10.24 32.31 -3.39
CA ARG D 191 -10.44 32.13 -1.95
C ARG D 191 -10.11 33.40 -1.17
N MET D 192 -10.41 34.54 -1.79
CA MET D 192 -10.48 35.87 -1.17
C MET D 192 -9.12 36.46 -0.82
N SER D 193 -8.06 35.66 -0.85
CA SER D 193 -6.76 36.18 -0.46
C SER D 193 -5.59 35.75 -1.34
N ASN D 194 -5.73 34.74 -2.19
CA ASN D 194 -4.59 34.16 -2.89
C ASN D 194 -4.46 34.73 -4.29
N LEU D 195 -3.22 35.05 -4.66
CA LEU D 195 -2.93 35.56 -5.99
C LEU D 195 -2.82 34.42 -7.00
N ALA D 196 -3.26 34.67 -8.22
CA ALA D 196 -3.13 33.70 -9.29
C ALA D 196 -1.67 33.59 -9.73
N SER D 197 -1.42 32.71 -10.70
CA SER D 197 -0.05 32.37 -11.07
C SER D 197 0.68 33.56 -11.68
N GLY D 198 0.07 34.20 -12.67
CA GLY D 198 0.75 35.25 -13.41
C GLY D 198 0.17 36.64 -13.21
N VAL D 199 -0.15 36.99 -11.96
CA VAL D 199 -0.77 38.26 -11.61
C VAL D 199 0.26 39.10 -10.87
N PRO D 200 0.43 40.38 -11.22
CA PRO D 200 1.41 41.21 -10.52
C PRO D 200 1.02 41.40 -9.06
N ASP D 201 2.05 41.67 -8.23
CA ASP D 201 1.81 41.87 -6.81
C ASP D 201 1.36 43.31 -6.53
N ARG D 202 0.35 43.77 -7.25
CA ARG D 202 -0.30 45.04 -6.97
C ARG D 202 -1.80 44.86 -6.74
N PHE D 203 -2.29 43.63 -6.74
CA PHE D 203 -3.66 43.30 -6.42
C PHE D 203 -3.71 42.63 -5.05
N SER D 204 -4.65 43.07 -4.22
CA SER D 204 -4.83 42.51 -2.90
C SER D 204 -6.31 42.31 -2.63
N GLY D 205 -6.64 41.27 -1.87
CA GLY D 205 -8.01 40.97 -1.52
C GLY D 205 -8.15 40.69 -0.04
N SER D 206 -9.28 41.13 0.51
CA SER D 206 -9.59 40.92 1.92
C SER D 206 -11.09 41.03 2.12
N GLY D 207 -11.55 40.50 3.24
CA GLY D 207 -12.97 40.54 3.55
C GLY D 207 -13.24 39.85 4.88
N SER D 208 -14.51 39.87 5.27
CA SER D 208 -14.92 39.26 6.53
C SER D 208 -16.37 38.80 6.39
N GLY D 209 -16.56 37.52 6.07
CA GLY D 209 -17.88 36.92 6.09
C GLY D 209 -18.77 37.29 4.93
N THR D 210 -19.23 38.54 4.89
CA THR D 210 -20.19 38.99 3.89
C THR D 210 -19.75 40.22 3.10
N ALA D 211 -18.76 40.97 3.58
CA ALA D 211 -18.26 42.15 2.89
C ALA D 211 -16.82 41.92 2.48
N PHE D 212 -16.52 42.16 1.22
CA PHE D 212 -15.20 41.90 0.66
C PHE D 212 -14.74 43.09 -0.16
N THR D 213 -13.42 43.25 -0.26
CA THR D 213 -12.83 44.36 -0.99
C THR D 213 -11.60 43.89 -1.76
N LEU D 214 -11.40 44.47 -2.93
CA LEU D 214 -10.22 44.24 -3.76
C LEU D 214 -9.47 45.56 -3.92
N THR D 215 -8.18 45.54 -3.62
CA THR D 215 -7.35 46.74 -3.64
C THR D 215 -6.34 46.64 -4.77
N ILE D 216 -6.22 47.71 -5.56
CA ILE D 216 -5.28 47.80 -6.67
C ILE D 216 -4.35 48.96 -6.37
N SER D 217 -3.19 48.66 -5.79
CA SER D 217 -2.20 49.68 -5.49
C SER D 217 -1.38 50.00 -6.73
N ARG D 218 -1.15 51.30 -6.95
CA ARG D 218 -0.36 51.79 -8.10
C ARG D 218 -0.98 51.33 -9.42
N LEU D 219 -2.19 51.83 -9.66
CA LEU D 219 -2.93 51.47 -10.86
C LEU D 219 -2.14 51.83 -12.11
N GLU D 220 -2.19 50.95 -13.11
CA GLU D 220 -1.52 51.15 -14.38
C GLU D 220 -2.54 51.10 -15.51
N ALA D 221 -2.09 51.45 -16.71
CA ALA D 221 -2.98 51.48 -17.87
C ALA D 221 -3.46 50.09 -18.26
N GLU D 222 -2.77 49.04 -17.83
CA GLU D 222 -3.17 47.67 -18.14
C GLU D 222 -4.38 47.22 -17.32
N ASP D 223 -4.62 47.83 -16.16
CA ASP D 223 -5.68 47.42 -15.25
C ASP D 223 -7.01 48.11 -15.52
N VAL D 224 -7.48 48.10 -16.76
CA VAL D 224 -8.72 48.76 -17.14
C VAL D 224 -9.66 47.71 -17.70
N GLY D 225 -10.83 47.59 -17.08
CA GLY D 225 -11.79 46.59 -17.51
C GLY D 225 -12.90 46.43 -16.49
N VAL D 226 -13.58 45.29 -16.55
CA VAL D 226 -14.70 44.98 -15.69
C VAL D 226 -14.26 43.93 -14.68
N TYR D 227 -14.62 44.14 -13.42
CA TYR D 227 -14.25 43.24 -12.33
C TYR D 227 -15.50 42.51 -11.83
N TYR D 228 -15.41 41.19 -11.77
CA TYR D 228 -16.51 40.35 -11.33
C TYR D 228 -16.11 39.56 -10.08
N CYS D 229 -17.02 39.49 -9.12
CA CYS D 229 -16.86 38.66 -7.94
C CYS D 229 -17.74 37.41 -8.07
N MET D 230 -17.23 36.29 -7.58
CA MET D 230 -17.91 35.00 -7.67
C MET D 230 -17.85 34.28 -6.34
N GLN D 231 -18.92 33.57 -6.01
CA GLN D 231 -18.94 32.67 -4.87
C GLN D 231 -18.88 31.23 -5.34
N HIS D 232 -18.11 30.40 -4.62
CA HIS D 232 -17.99 28.98 -4.93
C HIS D 232 -18.39 28.13 -3.73
N LEU D 233 -19.25 28.67 -2.86
CA LEU D 233 -19.64 27.94 -1.66
C LEU D 233 -20.60 26.80 -1.98
N GLU D 234 -21.50 27.01 -2.93
CA GLU D 234 -22.48 25.99 -3.28
C GLU D 234 -23.02 26.26 -4.68
N TYR D 235 -23.62 25.25 -5.27
CA TYR D 235 -24.24 25.33 -6.57
C TYR D 235 -25.69 25.78 -6.45
N PRO D 236 -26.20 26.59 -7.39
CA PRO D 236 -25.49 27.12 -8.57
C PRO D 236 -24.50 28.24 -8.24
N LEU D 237 -23.47 28.36 -9.07
CA LEU D 237 -22.49 29.44 -8.92
C LEU D 237 -23.04 30.73 -9.49
N THR D 238 -22.90 31.82 -8.74
CA THR D 238 -23.46 33.10 -9.12
C THR D 238 -22.38 34.16 -9.13
N PHE D 239 -22.41 35.01 -10.16
CA PHE D 239 -21.51 36.13 -10.31
C PHE D 239 -22.17 37.41 -9.83
N GLY D 240 -21.36 38.32 -9.30
CA GLY D 240 -21.86 39.65 -9.02
C GLY D 240 -21.95 40.49 -10.28
N ALA D 241 -22.54 41.67 -10.13
CA ALA D 241 -22.59 42.61 -11.23
C ALA D 241 -21.19 43.15 -11.52
N GLY D 242 -21.02 43.72 -12.71
CA GLY D 242 -19.73 44.25 -13.08
C GLY D 242 -19.41 45.56 -12.39
N THR D 243 -18.11 45.88 -12.36
CA THR D 243 -17.61 47.15 -11.85
C THR D 243 -16.52 47.62 -12.82
N LYS D 244 -16.88 48.58 -13.67
CA LYS D 244 -15.99 49.03 -14.73
C LYS D 244 -15.06 50.14 -14.25
N LEU D 245 -13.80 50.04 -14.64
CA LEU D 245 -12.81 51.08 -14.39
C LEU D 245 -12.52 51.80 -15.70
N GLU D 246 -12.55 53.13 -15.66
CA GLU D 246 -12.32 53.94 -16.84
C GLU D 246 -11.38 55.08 -16.51
N LEU D 247 -10.65 55.54 -17.51
CA LEU D 247 -9.71 56.65 -17.33
C LEU D 247 -10.42 57.99 -17.44
N CYS E 6 -53.32 -37.43 7.33
CA CYS E 6 -52.42 -38.05 8.30
C CYS E 6 -52.45 -39.56 8.26
N CYS E 7 -51.46 -40.17 8.91
CA CYS E 7 -51.52 -41.55 9.35
C CYS E 7 -50.74 -41.64 10.65
N ARG E 8 -51.06 -42.66 11.46
CA ARG E 8 -50.62 -42.73 12.86
C ARG E 8 -49.56 -43.82 12.98
N ILE E 9 -48.29 -43.41 13.01
CA ILE E 9 -47.19 -44.34 13.22
C ILE E 9 -47.26 -44.91 14.62
N GLU E 10 -47.44 -44.03 15.62
CA GLU E 10 -47.54 -44.43 17.04
C GLU E 10 -46.32 -45.22 17.48
N GLY E 11 -45.13 -44.69 17.18
CA GLY E 11 -43.89 -45.32 17.60
C GLY E 11 -43.04 -44.42 18.47
N ASP E 12 -42.85 -44.81 19.73
CA ASP E 12 -42.10 -44.00 20.68
C ASP E 12 -40.59 -44.19 20.55
N THR E 13 -40.14 -45.20 19.81
CA THR E 13 -38.70 -45.41 19.66
C THR E 13 -38.05 -44.24 18.94
N ILE E 14 -38.73 -43.67 17.94
CA ILE E 14 -38.22 -42.47 17.29
C ILE E 14 -38.16 -41.31 18.28
N SER E 15 -39.20 -41.16 19.09
CA SER E 15 -39.26 -40.09 20.08
C SER E 15 -38.21 -40.23 21.17
N GLN E 16 -37.68 -41.44 21.38
CA GLN E 16 -36.62 -41.64 22.35
C GLN E 16 -35.23 -41.65 21.73
N VAL E 17 -35.11 -41.88 20.43
CA VAL E 17 -33.80 -41.89 19.79
C VAL E 17 -33.42 -40.51 19.26
N MET E 18 -34.37 -39.76 18.69
CA MET E 18 -34.02 -38.46 18.11
C MET E 18 -33.43 -37.47 19.11
N PRO E 19 -34.02 -37.24 20.29
CA PRO E 19 -33.51 -36.18 21.16
C PRO E 19 -32.03 -36.36 21.49
N PRO E 20 -31.54 -37.60 21.73
CA PRO E 20 -30.09 -37.76 21.87
C PRO E 20 -29.29 -37.16 20.70
N LEU E 21 -29.61 -37.57 19.48
CA LEU E 21 -28.83 -37.14 18.32
C LEU E 21 -28.93 -35.63 18.13
N LEU E 22 -30.14 -35.07 18.22
CA LEU E 22 -30.31 -33.64 18.00
C LEU E 22 -29.65 -32.82 19.10
N ILE E 23 -29.73 -33.28 20.35
CA ILE E 23 -29.07 -32.56 21.45
C ILE E 23 -27.56 -32.56 21.27
N VAL E 24 -27.00 -33.73 20.91
CA VAL E 24 -25.56 -33.81 20.69
C VAL E 24 -25.16 -32.91 19.53
N ALA E 25 -25.93 -32.91 18.45
CA ALA E 25 -25.63 -32.06 17.31
C ALA E 25 -25.66 -30.58 17.69
N PHE E 26 -26.67 -30.17 18.46
CA PHE E 26 -26.77 -28.78 18.86
C PHE E 26 -25.65 -28.37 19.79
N VAL E 27 -25.25 -29.26 20.70
CA VAL E 27 -24.28 -28.88 21.71
C VAL E 27 -22.85 -28.97 21.21
N LEU E 28 -22.57 -29.76 20.17
CA LEU E 28 -21.23 -29.82 19.61
C LEU E 28 -21.07 -29.07 18.28
N GLY E 29 -22.16 -28.60 17.67
CA GLY E 29 -22.05 -27.98 16.36
C GLY E 29 -22.15 -26.48 16.34
N ALA E 30 -22.59 -25.87 17.44
CA ALA E 30 -22.75 -24.43 17.49
C ALA E 30 -21.47 -23.70 17.88
N LEU E 31 -20.70 -24.25 18.82
CA LEU E 31 -19.49 -23.58 19.28
C LEU E 31 -18.41 -23.58 18.20
N GLY E 32 -18.31 -24.67 17.43
CA GLY E 32 -17.31 -24.71 16.37
C GLY E 32 -17.57 -23.69 15.28
N ASN E 33 -18.82 -23.63 14.82
CA ASN E 33 -19.17 -22.65 13.80
C ASN E 33 -19.08 -21.22 14.34
N GLY E 34 -19.41 -21.03 15.62
CA GLY E 34 -19.23 -19.71 16.22
C GLY E 34 -17.77 -19.28 16.25
N VAL E 35 -16.88 -20.21 16.62
CA VAL E 35 -15.45 -19.91 16.62
C VAL E 35 -14.96 -19.62 15.22
N ALA E 36 -15.43 -20.40 14.23
CA ALA E 36 -15.02 -20.16 12.85
C ALA E 36 -15.47 -18.78 12.37
N LEU E 37 -16.71 -18.40 12.69
CA LEU E 37 -17.20 -17.06 12.33
C LEU E 37 -16.43 -15.97 13.03
N CYS E 38 -16.09 -16.18 14.31
CA CYS E 38 -15.30 -15.19 15.03
C CYS E 38 -13.92 -15.02 14.40
N GLY E 39 -13.31 -16.12 13.98
CA GLY E 39 -11.97 -16.05 13.41
C GLY E 39 -11.93 -15.55 11.98
N PHE E 40 -13.00 -15.76 11.21
CA PHE E 40 -12.97 -15.35 9.81
C PHE E 40 -12.89 -13.83 9.67
N CYS E 41 -13.68 -13.08 10.44
CA CYS E 41 -13.74 -11.64 10.31
C CYS E 41 -12.85 -10.90 11.31
N PHE E 42 -12.89 -11.27 12.58
CA PHE E 42 -12.11 -10.58 13.60
C PHE E 42 -10.62 -10.92 13.54
N HIS E 43 -10.26 -12.10 13.03
CA HIS E 43 -8.88 -12.56 13.05
C HIS E 43 -8.25 -12.61 11.66
N MET E 44 -8.76 -11.82 10.71
CA MET E 44 -8.18 -11.75 9.37
C MET E 44 -8.10 -10.30 8.92
N LYS E 45 -7.18 -10.03 8.00
CA LYS E 45 -6.91 -8.68 7.54
C LYS E 45 -7.18 -8.48 6.05
N THR E 46 -6.89 -9.47 5.21
CA THR E 46 -7.08 -9.36 3.77
C THR E 46 -8.06 -10.43 3.30
N TRP E 47 -9.04 -10.01 2.49
CA TRP E 47 -10.09 -10.89 2.00
C TRP E 47 -9.83 -11.19 0.52
N LYS E 48 -9.04 -12.22 0.27
CA LYS E 48 -8.87 -12.76 -1.07
C LYS E 48 -9.88 -13.87 -1.32
N PRO E 49 -10.14 -14.22 -2.59
CA PRO E 49 -11.08 -15.30 -2.87
C PRO E 49 -10.62 -16.61 -2.26
N SER E 50 -11.51 -17.61 -2.35
CA SER E 50 -11.37 -18.92 -1.72
C SER E 50 -11.56 -18.83 -0.21
N THR E 51 -11.72 -17.60 0.30
CA THR E 51 -12.09 -17.37 1.68
C THR E 51 -13.56 -17.01 1.85
N VAL E 52 -14.14 -16.34 0.85
CA VAL E 52 -15.55 -15.98 0.90
C VAL E 52 -16.41 -17.24 0.90
N TYR E 53 -16.06 -18.24 0.08
CA TYR E 53 -16.86 -19.45 -0.01
C TYR E 53 -16.86 -20.22 1.32
N LEU E 54 -15.70 -20.30 1.98
CA LEU E 54 -15.65 -20.94 3.28
C LEU E 54 -16.49 -20.16 4.30
N PHE E 55 -16.46 -18.84 4.22
CA PHE E 55 -17.28 -18.02 5.11
C PHE E 55 -18.76 -18.30 4.90
N ASN E 56 -19.19 -18.41 3.64
CA ASN E 56 -20.59 -18.67 3.36
C ASN E 56 -21.01 -20.08 3.80
N LEU E 57 -20.12 -21.06 3.61
CA LEU E 57 -20.43 -22.40 4.10
C LEU E 57 -20.56 -22.42 5.61
N ALA E 58 -19.67 -21.71 6.31
CA ALA E 58 -19.78 -21.60 7.77
C ALA E 58 -21.07 -20.90 8.18
N VAL E 59 -21.47 -19.88 7.43
CA VAL E 59 -22.72 -19.18 7.73
C VAL E 59 -23.92 -20.10 7.55
N ALA E 60 -23.90 -20.90 6.50
CA ALA E 60 -24.99 -21.87 6.29
C ALA E 60 -25.05 -22.88 7.42
N ASP E 61 -23.90 -23.38 7.85
CA ASP E 61 -23.86 -24.30 8.99
C ASP E 61 -24.39 -23.63 10.25
N PHE E 62 -24.01 -22.37 10.47
CA PHE E 62 -24.49 -21.63 11.64
C PHE E 62 -26.00 -21.45 11.59
N LEU E 63 -26.54 -21.19 10.40
CA LEU E 63 -27.99 -21.03 10.26
C LEU E 63 -28.72 -22.34 10.50
N LEU E 64 -28.15 -23.49 10.09
CA LEU E 64 -28.72 -24.76 10.49
C LEU E 64 -28.69 -24.94 12.00
N MET E 65 -27.56 -24.59 12.63
CA MET E 65 -27.45 -24.78 14.08
C MET E 65 -28.41 -23.87 14.83
N ILE E 66 -28.75 -22.71 14.27
CA ILE E 66 -29.67 -21.80 14.93
C ILE E 66 -31.06 -22.42 15.05
N CYS E 67 -31.55 -22.98 13.95
CA CYS E 67 -32.91 -23.52 13.90
C CYS E 67 -32.99 -24.99 14.28
N LEU E 68 -31.85 -25.65 14.52
CA LEU E 68 -31.89 -27.05 14.93
C LEU E 68 -32.67 -27.31 16.23
N PRO E 69 -32.53 -26.51 17.29
CA PRO E 69 -33.24 -26.85 18.54
C PRO E 69 -34.76 -26.78 18.45
N PHE E 70 -35.33 -26.29 17.34
CA PHE E 70 -36.78 -26.26 17.21
C PHE E 70 -37.40 -27.66 17.17
N ARG E 71 -36.60 -28.70 16.87
CA ARG E 71 -37.11 -30.05 16.77
C ARG E 71 -36.52 -31.01 17.79
N THR E 72 -35.73 -30.51 18.76
CA THR E 72 -35.24 -31.39 19.82
C THR E 72 -36.27 -31.59 20.93
N ASP E 73 -37.21 -30.65 21.09
CA ASP E 73 -38.33 -30.83 22.00
C ASP E 73 -39.57 -31.32 21.29
N TYR E 74 -39.68 -31.06 19.99
CA TYR E 74 -40.81 -31.54 19.20
C TYR E 74 -40.86 -33.07 19.21
N TYR E 75 -39.72 -33.72 19.06
CA TYR E 75 -39.67 -35.17 19.09
C TYR E 75 -39.80 -35.72 20.51
N LEU E 76 -39.54 -34.90 21.53
CA LEU E 76 -39.71 -35.34 22.91
C LEU E 76 -41.17 -35.44 23.31
N ARG E 77 -42.03 -34.57 22.77
CA ARG E 77 -43.45 -34.59 23.08
C ARG E 77 -44.25 -35.43 22.08
N ARG E 78 -43.62 -36.45 21.49
CA ARG E 78 -44.30 -37.42 20.62
C ARG E 78 -44.90 -36.74 19.39
N ARG E 79 -44.04 -36.03 18.66
CA ARG E 79 -44.38 -35.44 17.36
C ARG E 79 -45.60 -34.51 17.46
N HIS E 80 -45.56 -33.60 18.43
CA HIS E 80 -46.63 -32.63 18.63
C HIS E 80 -46.09 -31.24 18.40
N TRP E 81 -46.75 -30.48 17.54
CA TRP E 81 -46.39 -29.08 17.30
C TRP E 81 -47.21 -28.24 18.25
N ALA E 82 -46.68 -28.03 19.46
CA ALA E 82 -47.40 -27.37 20.53
C ALA E 82 -47.71 -25.92 20.21
N PHE E 83 -46.71 -25.18 19.72
CA PHE E 83 -46.86 -23.74 19.52
C PHE E 83 -46.77 -23.41 18.04
N GLY E 84 -47.67 -22.57 17.56
CA GLY E 84 -47.55 -21.97 16.25
C GLY E 84 -48.21 -22.72 15.10
N ASP E 85 -48.73 -21.96 14.14
CA ASP E 85 -49.19 -22.50 12.87
C ASP E 85 -48.43 -21.97 11.67
N ILE E 86 -48.16 -20.67 11.60
CA ILE E 86 -47.24 -20.09 10.63
C ILE E 86 -45.78 -20.41 11.00
N PRO E 87 -45.38 -20.43 12.31
CA PRO E 87 -43.99 -20.76 12.63
C PRO E 87 -43.51 -22.12 12.16
N CYS E 88 -44.40 -22.96 11.61
CA CYS E 88 -43.94 -24.19 10.98
C CYS E 88 -43.87 -23.99 9.48
N ARG E 89 -43.77 -22.74 9.05
CA ARG E 89 -43.46 -22.40 7.67
C ARG E 89 -42.06 -21.82 7.51
N VAL E 90 -41.46 -21.27 8.58
CA VAL E 90 -40.09 -20.81 8.55
C VAL E 90 -39.26 -21.75 9.43
N GLY E 91 -39.90 -22.80 9.94
CA GLY E 91 -39.20 -23.82 10.69
C GLY E 91 -38.85 -25.01 9.83
N LEU E 92 -39.44 -25.05 8.64
CA LEU E 92 -39.10 -26.02 7.60
C LEU E 92 -38.56 -25.30 6.38
N PHE E 93 -38.38 -23.98 6.50
CA PHE E 93 -37.82 -23.19 5.41
C PHE E 93 -36.31 -23.11 5.56
N THR E 94 -35.82 -22.95 6.79
CA THR E 94 -34.40 -23.07 7.04
C THR E 94 -34.06 -24.53 7.33
N LEU E 95 -34.58 -25.43 6.50
CA LEU E 95 -34.20 -26.83 6.51
C LEU E 95 -34.10 -27.28 5.05
N ALA E 96 -34.41 -26.35 4.14
CA ALA E 96 -34.22 -26.54 2.70
C ALA E 96 -33.50 -25.36 2.09
N MET E 97 -33.54 -24.20 2.76
CA MET E 97 -32.67 -23.08 2.45
C MET E 97 -31.25 -23.25 2.96
N ASN E 98 -31.06 -23.83 4.13
CA ASN E 98 -29.78 -23.90 4.82
C ASN E 98 -29.20 -25.30 4.69
N ARG E 99 -29.94 -26.21 4.04
CA ARG E 99 -29.49 -27.57 3.81
C ARG E 99 -29.10 -27.71 2.35
N ALA E 100 -29.68 -26.87 1.48
CA ALA E 100 -29.27 -26.79 0.10
C ALA E 100 -28.26 -25.68 -0.15
N GLY E 101 -28.12 -24.75 0.79
CA GLY E 101 -27.08 -23.74 0.70
C GLY E 101 -25.83 -24.22 1.41
N SER E 102 -25.85 -25.48 1.85
CA SER E 102 -24.64 -26.10 2.38
C SER E 102 -24.11 -27.19 1.45
N ILE E 103 -24.83 -27.55 0.39
CA ILE E 103 -24.33 -28.43 -0.65
C ILE E 103 -23.77 -27.66 -1.84
N VAL E 104 -24.32 -26.49 -2.15
CA VAL E 104 -23.79 -25.64 -3.20
C VAL E 104 -22.39 -25.13 -2.88
N PHE E 105 -22.14 -24.67 -1.66
CA PHE E 105 -20.81 -24.23 -1.25
C PHE E 105 -19.89 -25.40 -0.93
N LEU E 106 -20.36 -26.62 -1.13
CA LEU E 106 -19.49 -27.78 -1.11
C LEU E 106 -18.99 -28.04 -2.52
N THR E 107 -19.79 -27.66 -3.51
CA THR E 107 -19.39 -27.74 -4.91
C THR E 107 -18.59 -26.52 -5.35
N VAL E 108 -18.62 -25.44 -4.58
CA VAL E 108 -17.86 -24.23 -4.91
C VAL E 108 -16.44 -24.31 -4.36
N VAL E 109 -16.28 -24.73 -3.12
CA VAL E 109 -14.95 -24.88 -2.52
C VAL E 109 -14.22 -26.03 -3.19
N ALA E 110 -14.97 -27.01 -3.68
CA ALA E 110 -14.35 -28.13 -4.39
C ALA E 110 -14.13 -27.88 -5.87
N ALA E 111 -14.68 -26.81 -6.45
CA ALA E 111 -14.37 -26.41 -7.81
C ALA E 111 -13.37 -25.28 -7.87
N ASP E 112 -13.20 -24.53 -6.77
CA ASP E 112 -12.14 -23.54 -6.67
C ASP E 112 -10.78 -24.16 -6.43
N ARG E 113 -10.70 -25.30 -5.75
CA ARG E 113 -9.45 -26.02 -5.58
C ARG E 113 -9.02 -26.75 -6.84
N TYR E 114 -9.96 -27.04 -7.75
CA TYR E 114 -9.63 -27.68 -9.01
C TYR E 114 -8.99 -26.71 -10.00
N PHE E 115 -9.30 -25.42 -9.90
CA PHE E 115 -8.73 -24.42 -10.77
C PHE E 115 -7.43 -23.84 -10.23
N LYS E 116 -6.98 -24.27 -9.04
CA LYS E 116 -5.73 -23.81 -8.46
C LYS E 116 -4.67 -24.90 -8.45
N VAL E 117 -4.96 -26.08 -8.98
CA VAL E 117 -4.00 -27.19 -9.00
C VAL E 117 -3.86 -27.69 -10.43
N VAL E 118 -4.89 -27.45 -11.26
CA VAL E 118 -4.90 -28.00 -12.62
C VAL E 118 -4.80 -26.86 -13.62
N HIS E 119 -5.26 -25.68 -13.24
CA HIS E 119 -5.16 -24.52 -14.12
C HIS E 119 -4.63 -23.33 -13.33
N PRO E 120 -3.39 -23.38 -12.83
CA PRO E 120 -2.91 -22.32 -11.93
C PRO E 120 -2.84 -20.93 -12.57
N HIS E 121 -2.71 -20.84 -13.89
CA HIS E 121 -2.62 -19.55 -14.58
C HIS E 121 -3.95 -19.13 -15.19
N HIS E 122 -5.05 -19.80 -14.87
CA HIS E 122 -6.36 -19.44 -15.40
C HIS E 122 -6.81 -18.12 -14.80
N ALA E 123 -7.62 -17.35 -15.53
CA ALA E 123 -8.08 -16.05 -15.07
C ALA E 123 -8.96 -16.13 -13.83
N VAL E 124 -9.68 -17.24 -13.65
CA VAL E 124 -10.60 -17.41 -12.53
C VAL E 124 -9.83 -17.38 -11.22
N ASN E 125 -8.53 -17.65 -11.27
CA ASN E 125 -7.69 -17.69 -10.08
C ASN E 125 -7.33 -16.30 -9.58
N THR E 126 -7.50 -15.26 -10.40
CA THR E 126 -7.10 -13.91 -10.05
C THR E 126 -8.25 -12.92 -9.98
N ILE E 127 -9.50 -13.38 -9.91
CA ILE E 127 -10.65 -12.49 -9.80
C ILE E 127 -10.61 -11.79 -8.45
N SER E 128 -11.27 -10.64 -8.36
CA SER E 128 -11.23 -9.81 -7.16
C SER E 128 -12.30 -10.28 -6.18
N THR E 129 -12.21 -9.77 -4.95
CA THR E 129 -13.17 -10.13 -3.91
C THR E 129 -14.55 -9.57 -4.24
N ARG E 130 -14.60 -8.52 -5.06
CA ARG E 130 -15.86 -7.92 -5.46
C ARG E 130 -16.53 -8.68 -6.59
N VAL E 131 -15.87 -9.67 -7.20
CA VAL E 131 -16.50 -10.54 -8.18
C VAL E 131 -17.05 -11.80 -7.55
N ALA E 132 -16.31 -12.43 -6.64
CA ALA E 132 -16.80 -13.61 -5.92
C ALA E 132 -17.95 -13.25 -4.99
N ALA E 133 -17.98 -12.00 -4.52
CA ALA E 133 -19.09 -11.50 -3.72
C ALA E 133 -20.35 -11.41 -4.59
N GLY E 134 -20.17 -11.35 -5.90
CA GLY E 134 -21.28 -11.31 -6.82
C GLY E 134 -21.74 -12.70 -7.23
N ILE E 135 -20.89 -13.70 -7.02
CA ILE E 135 -21.27 -15.09 -7.26
C ILE E 135 -21.94 -15.70 -6.04
N VAL E 136 -21.45 -15.36 -4.85
CA VAL E 136 -22.04 -15.86 -3.61
C VAL E 136 -23.33 -15.10 -3.32
N CYS E 137 -23.59 -14.03 -4.09
CA CYS E 137 -24.83 -13.30 -3.96
C CYS E 137 -25.78 -13.58 -5.12
N THR E 138 -25.41 -14.53 -5.99
CA THR E 138 -26.33 -15.00 -7.03
C THR E 138 -26.58 -16.49 -6.90
N LEU E 139 -25.75 -17.19 -6.12
CA LEU E 139 -26.04 -18.57 -5.73
C LEU E 139 -26.92 -18.63 -4.50
N TRP E 140 -26.67 -17.78 -3.51
CA TRP E 140 -27.39 -17.79 -2.25
C TRP E 140 -28.79 -17.24 -2.42
N ALA E 141 -29.06 -16.60 -3.56
CA ALA E 141 -30.38 -16.08 -3.87
C ALA E 141 -31.17 -17.08 -4.70
N LEU E 142 -30.48 -17.77 -5.61
CA LEU E 142 -31.12 -18.88 -6.32
C LEU E 142 -31.48 -20.01 -5.36
N VAL E 143 -30.71 -20.18 -4.29
CA VAL E 143 -31.10 -21.13 -3.25
C VAL E 143 -32.46 -20.77 -2.66
N ILE E 144 -32.68 -19.49 -2.34
CA ILE E 144 -34.00 -19.04 -1.89
C ILE E 144 -35.07 -19.23 -2.95
N LEU E 145 -34.79 -18.86 -4.20
CA LEU E 145 -35.76 -18.95 -5.29
C LEU E 145 -36.21 -20.40 -5.45
N GLY E 146 -35.31 -21.34 -5.20
CA GLY E 146 -35.65 -22.76 -5.28
C GLY E 146 -36.72 -23.21 -4.32
N THR E 147 -36.78 -22.59 -3.13
CA THR E 147 -37.61 -23.11 -2.05
C THR E 147 -38.71 -22.14 -1.61
N VAL E 148 -39.37 -21.49 -2.57
CA VAL E 148 -40.47 -20.58 -2.26
C VAL E 148 -41.71 -21.34 -1.78
N TYR E 149 -41.96 -22.52 -2.33
CA TYR E 149 -43.14 -23.30 -1.97
C TYR E 149 -43.09 -23.74 -0.52
N LEU E 150 -41.90 -23.73 0.08
CA LEU E 150 -41.77 -24.00 1.50
C LEU E 150 -42.51 -22.94 2.31
N LEU E 151 -42.62 -21.74 1.75
CA LEU E 151 -43.39 -20.67 2.38
C LEU E 151 -44.75 -20.48 1.72
N LEU E 152 -44.99 -21.08 0.57
CA LEU E 152 -46.24 -20.91 -0.15
C LEU E 152 -47.05 -22.21 -0.20
N GLU E 153 -47.07 -22.95 0.91
CA GLU E 153 -47.93 -24.13 1.03
C GLU E 153 -48.08 -24.43 2.53
N ASN E 154 -48.95 -25.38 2.83
CA ASN E 154 -49.27 -25.75 4.21
C ASN E 154 -48.71 -27.13 4.51
N HIS E 155 -48.29 -27.33 5.75
CA HIS E 155 -47.61 -28.56 6.15
C HIS E 155 -48.23 -29.26 7.34
N LEU E 156 -49.05 -28.57 8.15
CA LEU E 156 -49.59 -29.18 9.35
C LEU E 156 -50.70 -30.17 9.00
N CYS E 157 -50.64 -31.35 9.62
CA CYS E 157 -51.67 -32.36 9.53
C CYS E 157 -52.06 -32.76 10.95
N VAL E 158 -53.35 -32.69 11.25
CA VAL E 158 -53.85 -32.78 12.63
C VAL E 158 -54.42 -34.18 12.87
N GLN E 159 -54.13 -34.74 14.04
CA GLN E 159 -54.65 -36.03 14.48
C GLN E 159 -55.38 -35.86 15.79
N GLU E 160 -56.17 -36.89 16.15
CA GLU E 160 -57.05 -36.89 17.32
C GLU E 160 -56.44 -36.21 18.55
N THR E 161 -55.25 -36.65 18.95
CA THR E 161 -54.65 -36.13 20.19
C THR E 161 -53.48 -35.20 19.93
N ALA E 162 -52.82 -35.30 18.78
CA ALA E 162 -51.61 -34.52 18.50
C ALA E 162 -51.60 -34.06 17.06
N VAL E 163 -50.90 -32.95 16.83
CA VAL E 163 -50.71 -32.39 15.50
C VAL E 163 -49.28 -32.66 15.04
N SER E 164 -49.13 -33.06 13.78
CA SER E 164 -47.84 -33.42 13.21
C SER E 164 -47.54 -32.52 12.02
N CYS E 165 -46.47 -31.75 12.11
CA CYS E 165 -46.03 -30.87 11.04
C CYS E 165 -44.81 -31.48 10.37
N GLU E 166 -45.00 -32.03 9.17
CA GLU E 166 -43.93 -32.72 8.46
C GLU E 166 -44.06 -32.45 6.97
N SER E 167 -42.94 -32.57 6.25
CA SER E 167 -42.92 -32.42 4.80
C SER E 167 -42.50 -33.67 4.06
N PHE E 168 -41.58 -34.47 4.63
CA PHE E 168 -41.21 -35.77 4.07
C PHE E 168 -42.16 -36.79 4.67
N ILE E 169 -43.42 -36.75 4.23
CA ILE E 169 -44.48 -37.49 4.92
C ILE E 169 -44.70 -38.88 4.32
N MET E 170 -45.07 -38.97 3.05
CA MET E 170 -45.47 -40.25 2.48
C MET E 170 -45.75 -40.10 0.99
N GLU E 171 -46.05 -41.24 0.37
CA GLU E 171 -46.61 -41.35 -0.97
C GLU E 171 -45.63 -40.96 -2.07
N SER E 172 -46.06 -40.07 -2.97
CA SER E 172 -45.38 -39.83 -4.23
C SER E 172 -45.29 -38.34 -4.51
N ALA E 173 -44.82 -37.57 -3.53
CA ALA E 173 -44.60 -36.13 -3.70
C ALA E 173 -43.83 -35.86 -4.99
N ASN E 174 -44.46 -35.15 -5.91
CA ASN E 174 -43.97 -35.03 -7.28
C ASN E 174 -43.34 -33.66 -7.51
N GLY E 175 -42.22 -33.68 -8.24
CA GLY E 175 -41.57 -32.46 -8.72
C GLY E 175 -40.98 -31.55 -7.67
N TRP E 176 -41.13 -31.89 -6.39
CA TRP E 176 -40.54 -31.09 -5.34
C TRP E 176 -40.32 -31.92 -4.08
N HIS E 177 -39.21 -31.66 -3.38
CA HIS E 177 -38.80 -32.41 -2.18
C HIS E 177 -38.46 -33.86 -2.50
N ASP E 178 -38.66 -34.29 -3.74
CA ASP E 178 -38.17 -35.57 -4.22
C ASP E 178 -37.20 -35.43 -5.38
N ILE E 179 -37.65 -34.78 -6.46
CA ILE E 179 -36.80 -34.64 -7.64
C ILE E 179 -35.63 -33.71 -7.34
N MET E 180 -35.91 -32.55 -6.72
CA MET E 180 -34.82 -31.67 -6.31
C MET E 180 -33.91 -32.37 -5.31
N PHE E 181 -34.45 -33.25 -4.47
CA PHE E 181 -33.63 -34.01 -3.54
C PHE E 181 -32.63 -34.89 -4.29
N GLN E 182 -33.13 -35.69 -5.24
CA GLN E 182 -32.25 -36.59 -5.98
C GLN E 182 -31.21 -35.82 -6.78
N LEU E 183 -31.62 -34.74 -7.46
CA LEU E 183 -30.65 -33.98 -8.24
C LEU E 183 -29.62 -33.30 -7.35
N GLU E 184 -30.06 -32.60 -6.30
CA GLU E 184 -29.13 -31.89 -5.43
C GLU E 184 -28.22 -32.84 -4.68
N PHE E 185 -28.56 -34.13 -4.62
CA PHE E 185 -27.58 -35.09 -4.12
C PHE E 185 -26.63 -35.56 -5.23
N PHE E 186 -27.20 -36.11 -6.31
CA PHE E 186 -26.38 -36.82 -7.29
C PHE E 186 -25.50 -35.86 -8.10
N MET E 187 -26.07 -34.77 -8.60
CA MET E 187 -25.32 -33.88 -9.49
C MET E 187 -24.10 -33.26 -8.83
N PRO E 188 -24.19 -32.69 -7.61
CA PRO E 188 -22.95 -32.21 -6.96
C PRO E 188 -21.95 -33.33 -6.69
N LEU E 189 -22.43 -34.55 -6.46
CA LEU E 189 -21.52 -35.65 -6.15
C LEU E 189 -20.59 -35.94 -7.31
N GLY E 190 -21.11 -35.93 -8.54
CA GLY E 190 -20.26 -36.17 -9.69
C GLY E 190 -19.18 -35.12 -9.85
N ILE E 191 -19.56 -33.85 -9.67
CA ILE E 191 -18.57 -32.76 -9.78
C ILE E 191 -17.51 -32.90 -8.69
N ILE E 192 -17.93 -33.20 -7.46
CA ILE E 192 -16.96 -33.33 -6.37
C ILE E 192 -16.01 -34.50 -6.64
N LEU E 193 -16.53 -35.64 -7.09
CA LEU E 193 -15.67 -36.78 -7.39
C LEU E 193 -14.70 -36.46 -8.51
N PHE E 194 -15.19 -35.83 -9.58
CA PHE E 194 -14.32 -35.46 -10.70
C PHE E 194 -13.20 -34.53 -10.23
N CYS E 195 -13.55 -33.48 -9.50
CA CYS E 195 -12.55 -32.53 -9.03
C CYS E 195 -11.55 -33.18 -8.10
N SER E 196 -12.02 -34.01 -7.15
CA SER E 196 -11.12 -34.65 -6.21
C SER E 196 -10.18 -35.64 -6.89
N PHE E 197 -10.67 -36.38 -7.88
CA PHE E 197 -9.78 -37.30 -8.61
C PHE E 197 -8.76 -36.55 -9.43
N LYS E 198 -9.20 -35.53 -10.16
CA LYS E 198 -8.28 -34.79 -11.03
C LYS E 198 -7.21 -34.07 -10.23
N ILE E 199 -7.59 -33.51 -9.07
CA ILE E 199 -6.63 -32.78 -8.25
C ILE E 199 -5.51 -33.71 -7.79
N VAL E 200 -5.87 -34.88 -7.26
CA VAL E 200 -4.87 -35.82 -6.79
C VAL E 200 -4.01 -36.33 -7.96
N TRP E 201 -4.65 -36.62 -9.10
CA TRP E 201 -3.91 -37.12 -10.25
C TRP E 201 -2.88 -36.09 -10.73
N SER E 202 -3.27 -34.82 -10.78
CA SER E 202 -2.33 -33.78 -11.19
C SER E 202 -1.25 -33.57 -10.15
N LEU E 203 -1.60 -33.63 -8.87
CA LEU E 203 -0.64 -33.34 -7.82
C LEU E 203 0.37 -34.46 -7.63
N ARG E 204 0.04 -35.69 -8.02
CA ARG E 204 1.03 -36.76 -7.96
C ARG E 204 2.09 -36.66 -9.04
N ARG E 205 1.78 -36.06 -10.19
CA ARG E 205 2.78 -35.94 -11.25
C ARG E 205 3.89 -34.96 -10.89
N ARG E 206 3.71 -34.13 -9.87
CA ARG E 206 4.77 -33.26 -9.37
C ARG E 206 5.72 -34.12 -8.55
N GLN E 207 6.74 -34.65 -9.24
CA GLN E 207 7.64 -35.63 -8.62
C GLN E 207 8.45 -35.03 -7.47
N GLN E 208 8.79 -33.75 -7.54
CA GLN E 208 9.59 -33.13 -6.50
C GLN E 208 8.77 -32.38 -5.47
N LEU E 209 7.52 -32.00 -5.81
CA LEU E 209 6.62 -31.48 -4.79
C LEU E 209 6.11 -32.58 -3.88
N ALA E 210 6.03 -33.81 -4.38
CA ALA E 210 5.43 -34.90 -3.63
C ALA E 210 6.27 -35.33 -2.44
N ARG E 211 7.58 -35.08 -2.48
CA ARG E 211 8.44 -35.51 -1.38
C ARG E 211 8.12 -34.83 -0.07
N GLN E 212 7.40 -33.71 -0.09
CA GLN E 212 7.01 -33.03 1.14
C GLN E 212 5.76 -33.66 1.72
N ALA E 213 5.76 -33.84 3.04
CA ALA E 213 4.60 -34.40 3.73
C ALA E 213 3.39 -33.46 3.67
N ARG E 214 3.62 -32.17 3.43
CA ARG E 214 2.51 -31.22 3.30
C ARG E 214 1.62 -31.60 2.13
N MET E 215 2.22 -31.98 1.00
CA MET E 215 1.43 -32.42 -0.14
C MET E 215 0.65 -33.69 0.18
N LYS E 216 1.26 -34.61 0.91
CA LYS E 216 0.57 -35.85 1.27
C LYS E 216 -0.64 -35.57 2.17
N LYS E 217 -0.47 -34.70 3.16
CA LYS E 217 -1.58 -34.32 4.01
C LYS E 217 -2.68 -33.62 3.21
N ALA E 218 -2.30 -32.72 2.31
CA ALA E 218 -3.27 -32.02 1.48
C ALA E 218 -4.01 -32.98 0.54
N THR E 219 -3.35 -34.03 0.05
CA THR E 219 -4.02 -35.02 -0.79
C THR E 219 -4.93 -35.92 0.02
N ARG E 220 -4.57 -36.25 1.26
CA ARG E 220 -5.46 -37.02 2.10
C ARG E 220 -6.72 -36.23 2.47
N PHE E 221 -6.58 -34.94 2.74
CA PHE E 221 -7.75 -34.13 3.06
C PHE E 221 -8.67 -33.89 1.88
N ILE E 222 -8.21 -34.10 0.64
CA ILE E 222 -9.13 -34.06 -0.50
C ILE E 222 -10.08 -35.25 -0.45
N MET E 223 -9.56 -36.45 -0.17
CA MET E 223 -10.42 -37.63 -0.13
C MET E 223 -11.24 -37.69 1.15
N VAL E 224 -10.75 -37.09 2.25
CA VAL E 224 -11.51 -37.09 3.49
C VAL E 224 -12.85 -36.38 3.30
N VAL E 225 -12.83 -35.22 2.63
CA VAL E 225 -14.06 -34.47 2.41
C VAL E 225 -15.04 -35.29 1.56
N ALA E 226 -14.53 -35.94 0.52
CA ALA E 226 -15.40 -36.72 -0.36
C ALA E 226 -16.04 -37.88 0.40
N ILE E 227 -15.26 -38.61 1.19
CA ILE E 227 -15.83 -39.75 1.91
C ILE E 227 -16.79 -39.28 2.99
N VAL E 228 -16.50 -38.15 3.63
CA VAL E 228 -17.43 -37.60 4.63
C VAL E 228 -18.75 -37.23 3.97
N PHE E 229 -18.69 -36.60 2.79
CA PHE E 229 -19.91 -36.25 2.08
C PHE E 229 -20.67 -37.50 1.63
N ILE E 230 -19.95 -38.54 1.24
CA ILE E 230 -20.60 -39.79 0.85
C ILE E 230 -21.35 -40.41 2.03
N THR E 231 -20.68 -40.53 3.17
CA THR E 231 -21.24 -41.27 4.30
C THR E 231 -22.29 -40.48 5.08
N CYS E 232 -22.46 -39.19 4.81
CA CYS E 232 -23.41 -38.39 5.56
C CYS E 232 -24.72 -38.14 4.82
N TYR E 233 -24.77 -38.33 3.50
CA TYR E 233 -25.98 -38.08 2.74
C TYR E 233 -26.53 -39.31 2.01
N LEU E 234 -25.74 -40.38 1.87
CA LEU E 234 -26.25 -41.57 1.19
C LEU E 234 -27.45 -42.18 1.89
N PRO E 235 -27.48 -42.37 3.21
CA PRO E 235 -28.68 -42.95 3.83
C PRO E 235 -29.95 -42.14 3.59
N SER E 236 -29.86 -40.81 3.63
CA SER E 236 -31.05 -39.98 3.49
C SER E 236 -31.69 -40.16 2.12
N VAL E 237 -30.87 -40.18 1.07
CA VAL E 237 -31.40 -40.38 -0.28
C VAL E 237 -31.88 -41.82 -0.46
N SER E 238 -31.10 -42.79 0.04
CA SER E 238 -31.43 -44.20 -0.19
C SER E 238 -32.74 -44.60 0.48
N ALA E 239 -32.98 -44.11 1.71
CA ALA E 239 -34.21 -44.45 2.41
C ALA E 239 -35.42 -43.91 1.67
N ARG E 240 -35.36 -42.66 1.21
CA ARG E 240 -36.48 -42.09 0.47
C ARG E 240 -36.67 -42.81 -0.86
N LEU E 241 -35.57 -43.21 -1.52
CA LEU E 241 -35.70 -43.95 -2.76
C LEU E 241 -36.38 -45.30 -2.52
N TYR E 242 -35.99 -46.00 -1.45
CA TYR E 242 -36.60 -47.29 -1.16
C TYR E 242 -38.08 -47.13 -0.81
N PHE E 243 -38.43 -46.08 -0.07
CA PHE E 243 -39.84 -45.81 0.20
C PHE E 243 -40.60 -45.51 -1.08
N LEU E 244 -40.01 -44.72 -1.97
CA LEU E 244 -40.67 -44.36 -3.22
C LEU E 244 -40.91 -45.58 -4.10
N TRP E 245 -39.94 -46.50 -4.15
CA TRP E 245 -40.08 -47.67 -4.99
C TRP E 245 -41.28 -48.53 -4.56
N THR E 246 -41.22 -49.09 -3.36
CA THR E 246 -42.30 -49.96 -2.87
C THR E 246 -43.32 -49.19 -2.04
N VAL E 247 -43.78 -48.05 -2.56
CA VAL E 247 -44.79 -47.26 -1.87
C VAL E 247 -46.17 -47.93 -1.93
N PRO E 248 -46.50 -48.79 -2.95
CA PRO E 248 -47.74 -49.56 -2.85
C PRO E 248 -47.92 -50.27 -1.51
N SER E 249 -46.95 -51.12 -1.15
CA SER E 249 -47.06 -51.90 0.07
C SER E 249 -46.83 -51.04 1.31
N SER E 250 -45.84 -50.16 1.26
CA SER E 250 -45.46 -49.35 2.42
C SER E 250 -46.50 -48.24 2.60
N ALA E 251 -47.56 -48.56 3.33
CA ALA E 251 -48.60 -47.59 3.69
C ALA E 251 -48.16 -46.93 4.98
N CYS E 252 -47.15 -46.05 4.86
CA CYS E 252 -46.46 -45.43 6.00
C CYS E 252 -46.21 -46.43 7.11
N ASP E 253 -45.43 -47.46 6.79
CA ASP E 253 -45.08 -48.49 7.76
C ASP E 253 -44.27 -47.87 8.90
N PRO E 254 -44.56 -48.22 10.16
CA PRO E 254 -43.81 -47.61 11.27
C PRO E 254 -42.31 -47.90 11.23
N SER E 255 -41.92 -49.06 10.71
CA SER E 255 -40.50 -49.37 10.57
C SER E 255 -39.83 -48.43 9.57
N VAL E 256 -40.53 -48.12 8.47
CA VAL E 256 -39.95 -47.25 7.45
C VAL E 256 -39.77 -45.84 8.00
N HIS E 257 -40.81 -45.30 8.64
CA HIS E 257 -40.71 -43.96 9.20
C HIS E 257 -39.67 -43.89 10.31
N GLY E 258 -39.34 -45.02 10.93
CA GLY E 258 -38.26 -45.03 11.90
C GLY E 258 -36.91 -44.78 11.25
N ALA E 259 -36.71 -45.25 10.03
CA ALA E 259 -35.41 -45.17 9.38
C ALA E 259 -35.15 -43.78 8.80
N LEU E 260 -36.15 -43.20 8.13
CA LEU E 260 -35.94 -41.90 7.49
C LEU E 260 -35.63 -40.81 8.51
N HIS E 261 -36.13 -40.94 9.74
CA HIS E 261 -35.77 -39.96 10.76
C HIS E 261 -34.37 -40.19 11.29
N ILE E 262 -33.87 -41.43 11.21
CA ILE E 262 -32.47 -41.70 11.53
C ILE E 262 -31.55 -41.05 10.50
N THR E 263 -31.89 -41.19 9.22
CA THR E 263 -30.98 -40.76 8.16
C THR E 263 -30.86 -39.24 8.08
N LEU E 264 -31.96 -38.53 8.33
CA LEU E 264 -31.88 -37.07 8.30
C LEU E 264 -31.03 -36.53 9.46
N SER E 265 -31.06 -37.22 10.61
CA SER E 265 -30.13 -36.85 11.67
C SER E 265 -28.69 -37.07 11.23
N PHE E 266 -28.44 -38.11 10.44
CA PHE E 266 -27.11 -38.30 9.87
C PHE E 266 -26.75 -37.16 8.92
N THR E 267 -27.71 -36.68 8.13
CA THR E 267 -27.47 -35.51 7.30
C THR E 267 -27.15 -34.29 8.14
N TYR E 268 -27.77 -34.18 9.33
CA TYR E 268 -27.56 -33.05 10.21
C TYR E 268 -26.15 -33.00 10.78
N MET E 269 -25.36 -34.06 10.63
CA MET E 269 -23.99 -34.10 11.12
C MET E 269 -22.98 -33.59 10.10
N ASN E 270 -23.43 -33.27 8.88
CA ASN E 270 -22.52 -32.68 7.90
C ASN E 270 -22.01 -31.32 8.37
N SER E 271 -22.90 -30.50 8.92
CA SER E 271 -22.49 -29.22 9.47
C SER E 271 -21.72 -29.38 10.77
N MET E 272 -21.87 -30.51 11.45
CA MET E 272 -20.96 -30.85 12.53
C MET E 272 -19.53 -31.03 12.01
N LEU E 273 -19.37 -31.87 10.99
CA LEU E 273 -18.05 -32.27 10.55
C LEU E 273 -17.36 -31.23 9.68
N ASP E 274 -18.10 -30.35 9.03
CA ASP E 274 -17.48 -29.39 8.11
C ASP E 274 -16.49 -28.46 8.80
N PRO E 275 -16.81 -27.83 9.95
CA PRO E 275 -15.76 -27.03 10.62
C PRO E 275 -14.51 -27.82 10.95
N LEU E 276 -14.65 -28.99 11.56
CA LEU E 276 -13.49 -29.75 12.00
C LEU E 276 -12.63 -30.19 10.82
N VAL E 277 -13.24 -30.43 9.67
CA VAL E 277 -12.49 -30.86 8.50
C VAL E 277 -11.85 -29.67 7.78
N TYR E 278 -12.52 -28.51 7.77
CA TYR E 278 -12.07 -27.39 6.96
C TYR E 278 -11.16 -26.43 7.72
N TYR E 279 -11.60 -25.93 8.87
CA TYR E 279 -10.92 -24.85 9.57
C TYR E 279 -9.91 -25.33 10.61
N PHE E 280 -10.24 -26.37 11.38
CA PHE E 280 -9.41 -26.75 12.50
C PHE E 280 -8.15 -27.47 12.06
N SER E 281 -8.25 -28.29 11.01
CA SER E 281 -7.09 -29.05 10.53
C SER E 281 -6.35 -28.30 9.44
N SER E 282 -5.97 -27.05 9.73
CA SER E 282 -5.23 -26.23 8.77
C SER E 282 -4.22 -25.36 9.50
N PRO E 283 -2.93 -25.55 9.25
CA PRO E 283 -1.92 -24.70 9.90
C PRO E 283 -2.04 -23.23 9.55
N SER E 284 -2.50 -22.90 8.34
CA SER E 284 -2.47 -21.51 7.87
C SER E 284 -3.58 -20.65 8.45
N PHE E 285 -4.64 -21.25 9.01
CA PHE E 285 -5.72 -20.47 9.58
C PHE E 285 -5.36 -19.97 10.98
N PRO E 286 -5.96 -18.87 11.42
CA PRO E 286 -5.51 -18.24 12.68
C PRO E 286 -5.77 -19.12 13.89
N LYS E 287 -5.22 -18.66 15.02
CA LYS E 287 -5.25 -19.39 16.28
C LYS E 287 -6.21 -18.72 17.25
N PHE E 288 -6.82 -19.52 18.11
CA PHE E 288 -7.78 -19.04 19.11
C PHE E 288 -7.30 -19.34 20.53
N TYR E 289 -5.98 -19.44 20.71
CA TYR E 289 -5.37 -19.74 22.00
C TYR E 289 -5.88 -21.06 22.58
C2 34D F . -36.87 -32.93 8.72
C3 34D F . -37.78 -33.83 9.28
O3 34D F . -37.32 -34.64 10.39
C4 34D F . -39.10 -33.99 8.85
C5 34D F . -39.49 -33.17 7.78
C1 34D F . -37.31 -32.14 7.64
C6 34D F . -38.63 -32.24 7.15
C 34D F . -36.30 -31.11 6.97
O1 34D F . -36.64 -30.40 5.96
O2 34D F . -35.10 -30.98 7.44
O5 34D F . -40.81 -33.25 7.25
#